data_1B06
#
_entry.id   1B06
#
_cell.length_a   168.100
_cell.length_b   91.300
_cell.length_c   85.700
_cell.angle_alpha   90.00
_cell.angle_beta   91.40
_cell.angle_gamma   90.00
#
_symmetry.space_group_name_H-M   'C 1 2 1'
#
loop_
_entity.id
_entity.type
_entity.pdbx_description
1 polymer 'PROTEIN (SUPEROXIDE DISMUTASE)'
2 non-polymer 'FE (III) ION'
3 water water
#
_entity_poly.entity_id   1
_entity_poly.type   'polypeptide(L)'
_entity_poly.pdbx_seq_one_letter_code
;TQVIQLKRYEFPQLPYKVDALEPYISKDIIDVHYNGHHKGYVNGANSLLDRLEKLIKGDLPQGQYDLQGILRGLTFNING
HKLHAIYWNNMAPAGKGGGKPGGALADLIDKQYGSFDRFKQVFSESANSLPGSGWTVLYYDNESGNLQIMTVENHFMNHI
AELPVILIVDEFEHAYYLQYKNKRGDYLNAWWNVVNWDDAEKRLQKYLNK
;
_entity_poly.pdbx_strand_id   A,B,C,D,E,F
#
# COMPACT_ATOMS: atom_id res chain seq x y z
N VAL A 3 -25.92 -0.53 -22.69
CA VAL A 3 -27.01 -1.36 -22.11
C VAL A 3 -27.09 -1.16 -20.60
N ILE A 4 -28.16 -0.52 -20.15
CA ILE A 4 -28.38 -0.24 -18.73
C ILE A 4 -27.10 0.28 -18.08
N GLN A 5 -26.98 1.59 -17.98
CA GLN A 5 -25.81 2.20 -17.38
C GLN A 5 -26.08 3.62 -16.92
N LEU A 6 -25.62 3.93 -15.71
CA LEU A 6 -25.78 5.26 -15.15
C LEU A 6 -24.40 5.91 -15.15
N LYS A 7 -24.37 7.23 -15.28
CA LYS A 7 -23.12 7.96 -15.28
C LYS A 7 -22.67 8.24 -13.85
N ARG A 8 -21.36 8.37 -13.65
CA ARG A 8 -20.83 8.64 -12.32
C ARG A 8 -20.41 10.10 -12.22
N TYR A 9 -20.18 10.56 -11.00
CA TYR A 9 -19.77 11.94 -10.78
C TYR A 9 -18.26 12.07 -10.80
N GLU A 10 -17.78 13.25 -11.20
CA GLU A 10 -16.35 13.52 -11.24
C GLU A 10 -15.97 14.54 -10.18
N PHE A 11 -14.83 14.31 -9.55
CA PHE A 11 -14.33 15.22 -8.52
C PHE A 11 -13.78 16.46 -9.22
N PRO A 12 -14.38 17.63 -8.95
CA PRO A 12 -13.94 18.88 -9.58
C PRO A 12 -12.61 19.41 -9.02
N GLN A 13 -12.03 20.37 -9.73
CA GLN A 13 -10.77 20.98 -9.30
C GLN A 13 -11.06 22.24 -8.50
N LEU A 14 -10.19 22.54 -7.53
CA LEU A 14 -10.35 23.74 -6.72
C LEU A 14 -10.00 24.91 -7.63
N PRO A 15 -10.81 25.99 -7.60
CA PRO A 15 -10.55 27.16 -8.45
C PRO A 15 -9.33 28.01 -8.07
N TYR A 16 -8.67 27.67 -6.97
CA TYR A 16 -7.51 28.42 -6.50
C TYR A 16 -6.67 27.53 -5.61
N LYS A 17 -5.58 28.08 -5.08
CA LYS A 17 -4.70 27.32 -4.19
C LYS A 17 -5.37 27.20 -2.84
N VAL A 18 -5.06 26.13 -2.11
CA VAL A 18 -5.67 25.88 -0.80
C VAL A 18 -5.41 26.96 0.25
N ASP A 19 -4.46 27.85 -0.02
CA ASP A 19 -4.16 28.92 0.93
C ASP A 19 -4.58 30.27 0.40
N ALA A 20 -5.35 30.28 -0.69
CA ALA A 20 -5.81 31.51 -1.30
C ALA A 20 -6.87 32.29 -0.51
N LEU A 21 -7.54 31.63 0.44
CA LEU A 21 -8.57 32.30 1.22
C LEU A 21 -8.09 32.81 2.58
N GLU A 22 -6.80 32.65 2.87
CA GLU A 22 -6.25 33.11 4.13
C GLU A 22 -6.28 34.63 4.14
N PRO A 23 -6.38 35.26 5.32
CA PRO A 23 -6.48 34.69 6.67
C PRO A 23 -7.89 34.31 7.13
N TYR A 24 -8.88 34.52 6.28
CA TYR A 24 -10.26 34.23 6.64
C TYR A 24 -10.55 32.74 6.86
N ILE A 25 -9.99 31.89 6.01
CA ILE A 25 -10.14 30.45 6.15
C ILE A 25 -8.77 29.85 5.88
N SER A 26 -8.15 29.30 6.91
CA SER A 26 -6.82 28.70 6.79
C SER A 26 -6.72 27.57 5.78
N LYS A 27 -5.52 27.40 5.24
CA LYS A 27 -5.25 26.35 4.25
C LYS A 27 -5.44 24.97 4.85
N ASP A 28 -5.26 24.86 6.16
CA ASP A 28 -5.43 23.59 6.85
C ASP A 28 -6.86 23.09 6.72
N ILE A 29 -7.80 24.03 6.74
CA ILE A 29 -9.22 23.71 6.61
C ILE A 29 -9.54 23.37 5.16
N ILE A 30 -9.15 24.25 4.25
CA ILE A 30 -9.41 24.04 2.83
C ILE A 30 -8.87 22.73 2.32
N ASP A 31 -7.66 22.39 2.73
CA ASP A 31 -7.03 21.14 2.31
C ASP A 31 -7.89 19.91 2.60
N VAL A 32 -8.20 19.68 3.88
CA VAL A 32 -9.02 18.53 4.28
C VAL A 32 -10.49 18.66 3.89
N HIS A 33 -10.99 19.89 3.82
CA HIS A 33 -12.37 20.15 3.44
C HIS A 33 -12.58 19.71 1.99
N TYR A 34 -11.59 20.02 1.16
CA TYR A 34 -11.63 19.69 -0.25
C TYR A 34 -11.16 18.27 -0.56
N ASN A 35 -9.94 17.94 -0.16
CA ASN A 35 -9.39 16.61 -0.42
C ASN A 35 -9.97 15.51 0.46
N GLY A 36 -10.54 15.90 1.59
CA GLY A 36 -11.12 14.91 2.48
C GLY A 36 -12.61 14.76 2.34
N HIS A 37 -13.34 15.76 2.80
CA HIS A 37 -14.80 15.74 2.75
C HIS A 37 -15.43 15.71 1.36
N HIS A 38 -15.15 16.70 0.52
CA HIS A 38 -15.74 16.73 -0.81
C HIS A 38 -15.44 15.46 -1.60
N LYS A 39 -14.18 15.06 -1.65
CA LYS A 39 -13.80 13.86 -2.37
C LYS A 39 -14.61 12.66 -1.86
N GLY A 40 -14.82 12.62 -0.55
CA GLY A 40 -15.57 11.53 0.03
C GLY A 40 -17.01 11.46 -0.41
N TYR A 41 -17.62 12.61 -0.67
CA TYR A 41 -19.02 12.65 -1.09
C TYR A 41 -19.14 12.12 -2.51
N VAL A 42 -18.13 12.40 -3.33
CA VAL A 42 -18.14 11.94 -4.71
C VAL A 42 -17.96 10.42 -4.71
N ASN A 43 -17.05 9.94 -3.88
CA ASN A 43 -16.81 8.49 -3.80
C ASN A 43 -18.04 7.79 -3.25
N GLY A 44 -18.64 8.37 -2.21
CA GLY A 44 -19.83 7.79 -1.61
C GLY A 44 -20.99 7.70 -2.58
N ALA A 45 -21.18 8.76 -3.36
CA ALA A 45 -22.25 8.81 -4.34
C ALA A 45 -22.04 7.75 -5.41
N ASN A 46 -20.83 7.67 -5.95
CA ASN A 46 -20.51 6.72 -7.01
C ASN A 46 -20.64 5.27 -6.56
N SER A 47 -20.25 5.00 -5.31
CA SER A 47 -20.34 3.64 -4.79
C SER A 47 -21.80 3.23 -4.62
N LEU A 48 -22.67 4.19 -4.35
CA LEU A 48 -24.08 3.88 -4.18
C LEU A 48 -24.75 3.76 -5.55
N LEU A 49 -24.21 4.48 -6.54
CA LEU A 49 -24.75 4.42 -7.89
C LEU A 49 -24.45 3.03 -8.47
N ASP A 50 -23.32 2.46 -8.09
CA ASP A 50 -22.93 1.14 -8.54
C ASP A 50 -24.00 0.14 -8.08
N ARG A 51 -24.37 0.22 -6.81
CA ARG A 51 -25.37 -0.66 -6.24
C ARG A 51 -26.74 -0.46 -6.91
N LEU A 52 -27.13 0.79 -7.10
CA LEU A 52 -28.41 1.08 -7.72
C LEU A 52 -28.44 0.51 -9.15
N GLU A 53 -27.32 0.64 -9.85
CA GLU A 53 -27.20 0.13 -11.21
C GLU A 53 -27.39 -1.38 -11.22
N LYS A 54 -26.73 -2.06 -10.29
CA LYS A 54 -26.81 -3.51 -10.18
C LYS A 54 -28.24 -3.93 -9.92
N LEU A 55 -28.89 -3.19 -9.03
CA LEU A 55 -30.28 -3.44 -8.65
C LEU A 55 -31.18 -3.33 -9.86
N ILE A 56 -30.98 -2.30 -10.66
CA ILE A 56 -31.76 -2.08 -11.86
C ILE A 56 -31.55 -3.20 -12.88
N LYS A 57 -30.30 -3.63 -13.04
CA LYS A 57 -29.95 -4.69 -13.98
C LYS A 57 -30.48 -6.05 -13.53
N GLY A 58 -30.54 -6.25 -12.22
CA GLY A 58 -31.02 -7.51 -11.68
C GLY A 58 -29.88 -8.32 -11.07
N ASP A 59 -28.67 -7.76 -11.09
CA ASP A 59 -27.52 -8.44 -10.54
C ASP A 59 -27.59 -8.47 -9.02
N LEU A 60 -28.30 -7.49 -8.46
CA LEU A 60 -28.51 -7.40 -7.02
C LEU A 60 -29.99 -7.73 -6.82
N PRO A 61 -30.29 -8.99 -6.48
CA PRO A 61 -31.66 -9.46 -6.26
C PRO A 61 -32.33 -8.98 -4.98
N GLN A 62 -33.66 -8.97 -4.98
CA GLN A 62 -34.42 -8.55 -3.82
C GLN A 62 -33.98 -9.36 -2.63
N GLY A 63 -33.83 -8.71 -1.49
CA GLY A 63 -33.39 -9.40 -0.30
C GLY A 63 -31.90 -9.18 -0.07
N GLN A 64 -31.23 -8.56 -1.03
CA GLN A 64 -29.80 -8.31 -0.89
C GLN A 64 -29.51 -6.81 -0.86
N TYR A 65 -30.55 -6.03 -0.55
CA TYR A 65 -30.42 -4.59 -0.45
C TYR A 65 -31.60 -4.00 0.31
N ASP A 66 -31.45 -2.78 0.79
CA ASP A 66 -32.50 -2.06 1.50
C ASP A 66 -32.59 -0.70 0.82
N LEU A 67 -33.48 -0.63 -0.16
CA LEU A 67 -33.69 0.57 -0.98
C LEU A 67 -33.58 1.92 -0.30
N GLN A 68 -34.25 2.09 0.83
CA GLN A 68 -34.20 3.37 1.54
C GLN A 68 -32.77 3.73 1.92
N GLY A 69 -31.96 2.71 2.19
CA GLY A 69 -30.58 2.97 2.55
C GLY A 69 -29.81 3.52 1.36
N ILE A 70 -30.15 3.04 0.17
CA ILE A 70 -29.50 3.48 -1.05
C ILE A 70 -29.96 4.87 -1.47
N LEU A 71 -31.28 5.07 -1.48
CA LEU A 71 -31.87 6.34 -1.88
C LEU A 71 -31.50 7.50 -0.94
N ARG A 72 -31.62 7.28 0.37
CA ARG A 72 -31.30 8.35 1.30
C ARG A 72 -29.78 8.60 1.31
N GLY A 73 -29.00 7.56 1.04
CA GLY A 73 -27.55 7.71 1.01
C GLY A 73 -27.18 8.58 -0.17
N LEU A 74 -27.99 8.52 -1.21
CA LEU A 74 -27.74 9.29 -2.41
C LEU A 74 -28.03 10.79 -2.25
N THR A 75 -29.10 11.17 -1.54
CA THR A 75 -29.38 12.60 -1.35
C THR A 75 -28.28 13.20 -0.51
N PHE A 76 -27.85 12.43 0.48
CA PHE A 76 -26.79 12.86 1.37
C PHE A 76 -25.52 13.16 0.57
N ASN A 77 -25.03 12.15 -0.14
CA ASN A 77 -23.81 12.30 -0.91
C ASN A 77 -23.88 13.20 -2.15
N ILE A 78 -24.93 13.06 -2.95
CA ILE A 78 -25.03 13.88 -4.15
C ILE A 78 -25.15 15.37 -3.80
N ASN A 79 -25.93 15.67 -2.77
CA ASN A 79 -26.09 17.05 -2.33
C ASN A 79 -24.77 17.53 -1.74
N GLY A 80 -24.10 16.66 -1.00
CA GLY A 80 -22.83 17.02 -0.40
C GLY A 80 -21.83 17.46 -1.46
N HIS A 81 -21.82 16.74 -2.57
CA HIS A 81 -20.92 17.04 -3.67
C HIS A 81 -21.32 18.34 -4.39
N LYS A 82 -22.56 18.40 -4.86
CA LYS A 82 -23.05 19.57 -5.59
C LYS A 82 -22.95 20.87 -4.81
N LEU A 83 -23.28 20.84 -3.54
CA LEU A 83 -23.24 22.05 -2.73
C LEU A 83 -21.81 22.52 -2.50
N HIS A 84 -20.87 21.59 -2.34
CA HIS A 84 -19.48 21.98 -2.13
C HIS A 84 -18.92 22.55 -3.42
N ALA A 85 -19.37 22.02 -4.55
CA ALA A 85 -18.92 22.49 -5.86
C ALA A 85 -19.31 23.96 -6.05
N ILE A 86 -20.50 24.33 -5.58
CA ILE A 86 -20.94 25.70 -5.71
C ILE A 86 -20.16 26.59 -4.73
N TYR A 87 -20.00 26.07 -3.50
CA TYR A 87 -19.30 26.75 -2.43
C TYR A 87 -17.90 27.24 -2.83
N TRP A 88 -17.10 26.36 -3.43
CA TRP A 88 -15.75 26.72 -3.84
C TRP A 88 -15.76 27.87 -4.85
N ASN A 89 -16.68 27.81 -5.81
CA ASN A 89 -16.79 28.82 -6.84
C ASN A 89 -17.46 30.11 -6.34
N ASN A 90 -18.20 29.99 -5.24
CA ASN A 90 -18.91 31.12 -4.67
C ASN A 90 -18.00 31.98 -3.78
N MET A 91 -16.73 31.59 -3.71
CA MET A 91 -15.73 32.32 -2.92
C MET A 91 -14.57 32.71 -3.85
N ALA A 92 -13.77 33.68 -3.44
CA ALA A 92 -12.64 34.13 -4.23
C ALA A 92 -11.57 34.69 -3.32
N PRO A 93 -10.30 34.60 -3.73
CA PRO A 93 -9.18 35.11 -2.93
C PRO A 93 -9.42 36.53 -2.42
N ALA A 94 -8.94 36.80 -1.21
CA ALA A 94 -9.07 38.09 -0.54
C ALA A 94 -9.37 39.29 -1.43
N GLY A 95 -8.44 39.59 -2.35
CA GLY A 95 -8.63 40.72 -3.23
C GLY A 95 -9.81 40.61 -4.19
N LYS A 96 -9.86 39.51 -4.94
CA LYS A 96 -10.93 39.29 -5.92
C LYS A 96 -12.30 39.13 -5.27
N GLY A 97 -12.35 38.49 -4.10
CA GLY A 97 -13.60 38.30 -3.42
C GLY A 97 -13.89 39.38 -2.39
N GLY A 98 -15.11 39.35 -1.85
CA GLY A 98 -15.49 40.33 -0.85
C GLY A 98 -16.10 41.55 -1.49
N GLY A 99 -16.30 42.59 -0.69
CA GLY A 99 -16.88 43.81 -1.22
C GLY A 99 -18.40 43.81 -1.22
N LYS A 100 -18.97 44.55 -2.17
CA LYS A 100 -20.42 44.66 -2.31
C LYS A 100 -20.84 44.10 -3.65
N PRO A 101 -22.07 43.55 -3.73
CA PRO A 101 -22.51 43.01 -5.02
C PRO A 101 -22.78 44.12 -6.03
N GLY A 102 -22.98 43.74 -7.28
CA GLY A 102 -23.26 44.72 -8.31
C GLY A 102 -24.24 44.12 -9.30
N GLY A 103 -24.51 44.82 -10.39
CA GLY A 103 -25.43 44.31 -11.39
C GLY A 103 -26.84 44.09 -10.90
N ALA A 104 -27.53 43.15 -11.54
CA ALA A 104 -28.90 42.82 -11.22
C ALA A 104 -29.07 42.34 -9.78
N LEU A 105 -28.08 41.63 -9.28
CA LEU A 105 -28.14 41.13 -7.91
C LEU A 105 -28.20 42.27 -6.90
N ALA A 106 -27.33 43.26 -7.05
CA ALA A 106 -27.31 44.39 -6.14
C ALA A 106 -28.63 45.15 -6.21
N ASP A 107 -29.23 45.19 -7.39
CA ASP A 107 -30.50 45.89 -7.59
C ASP A 107 -31.65 45.16 -6.89
N LEU A 108 -31.68 43.84 -7.01
CA LEU A 108 -32.73 43.04 -6.37
C LEU A 108 -32.62 43.09 -4.87
N ILE A 109 -31.39 43.07 -4.35
CA ILE A 109 -31.17 43.12 -2.91
C ILE A 109 -31.66 44.46 -2.34
N ASP A 110 -31.46 45.54 -3.10
CA ASP A 110 -31.89 46.86 -2.65
C ASP A 110 -33.42 46.96 -2.61
N LYS A 111 -34.06 46.39 -3.63
CA LYS A 111 -35.51 46.43 -3.73
C LYS A 111 -36.22 45.56 -2.69
N GLN A 112 -35.61 44.44 -2.34
CA GLN A 112 -36.22 43.51 -1.40
C GLN A 112 -35.73 43.61 0.03
N TYR A 113 -34.54 44.17 0.23
CA TYR A 113 -34.00 44.29 1.58
C TYR A 113 -33.70 45.74 1.96
N GLY A 114 -33.88 46.64 1.00
CA GLY A 114 -33.62 48.05 1.26
C GLY A 114 -32.18 48.45 0.99
N SER A 115 -31.24 47.59 1.36
CA SER A 115 -29.84 47.88 1.15
C SER A 115 -28.99 46.64 1.40
N PHE A 116 -27.74 46.68 0.97
CA PHE A 116 -26.84 45.55 1.16
C PHE A 116 -26.55 45.33 2.66
N ASP A 117 -26.53 46.41 3.43
CA ASP A 117 -26.27 46.30 4.86
C ASP A 117 -27.38 45.56 5.60
N ARG A 118 -28.64 45.83 5.24
CA ARG A 118 -29.74 45.15 5.89
C ARG A 118 -29.71 43.68 5.47
N PHE A 119 -29.55 43.43 4.18
CA PHE A 119 -29.48 42.07 3.67
C PHE A 119 -28.43 41.28 4.46
N LYS A 120 -27.25 41.88 4.61
CA LYS A 120 -26.16 41.26 5.33
C LYS A 120 -26.59 40.92 6.76
N GLN A 121 -27.32 41.83 7.39
CA GLN A 121 -27.80 41.63 8.75
C GLN A 121 -28.79 40.47 8.81
N VAL A 122 -29.75 40.46 7.90
CA VAL A 122 -30.78 39.42 7.87
C VAL A 122 -30.18 38.06 7.50
N PHE A 123 -29.29 38.05 6.53
CA PHE A 123 -28.66 36.80 6.11
C PHE A 123 -27.82 36.21 7.25
N SER A 124 -27.11 37.08 7.96
CA SER A 124 -26.28 36.64 9.07
C SER A 124 -27.15 36.13 10.22
N GLU A 125 -28.27 36.81 10.48
CA GLU A 125 -29.18 36.41 11.54
C GLU A 125 -29.74 35.02 11.25
N SER A 126 -30.08 34.78 9.98
CA SER A 126 -30.62 33.49 9.56
C SER A 126 -29.55 32.39 9.69
N ALA A 127 -28.34 32.70 9.25
CA ALA A 127 -27.22 31.76 9.32
C ALA A 127 -26.90 31.34 10.75
N ASN A 128 -26.99 32.30 11.67
CA ASN A 128 -26.71 32.03 13.06
C ASN A 128 -27.84 31.28 13.77
N SER A 129 -29.02 31.24 13.15
CA SER A 129 -30.17 30.56 13.75
C SER A 129 -30.22 29.07 13.40
N LEU A 130 -29.41 28.66 12.45
CA LEU A 130 -29.34 27.26 12.02
C LEU A 130 -29.00 26.33 13.18
N PRO A 131 -29.90 25.38 13.52
CA PRO A 131 -29.64 24.45 14.62
C PRO A 131 -28.76 23.27 14.21
N GLY A 132 -27.46 23.37 14.49
CA GLY A 132 -26.56 22.30 14.13
C GLY A 132 -25.84 22.50 12.82
N SER A 133 -25.46 21.39 12.19
CA SER A 133 -24.73 21.39 10.92
C SER A 133 -25.62 21.59 9.70
N GLY A 134 -25.12 22.36 8.73
CA GLY A 134 -25.90 22.60 7.53
C GLY A 134 -25.37 23.76 6.72
N TRP A 135 -26.24 24.39 5.95
CA TRP A 135 -25.86 25.52 5.11
C TRP A 135 -26.93 26.60 5.15
N THR A 136 -26.55 27.82 4.76
CA THR A 136 -27.53 28.90 4.65
C THR A 136 -27.38 29.28 3.19
N VAL A 137 -28.51 29.30 2.48
CA VAL A 137 -28.51 29.55 1.06
C VAL A 137 -29.42 30.69 0.65
N LEU A 138 -29.13 31.29 -0.50
CA LEU A 138 -29.96 32.34 -1.06
C LEU A 138 -30.39 31.82 -2.43
N TYR A 139 -31.68 31.55 -2.59
CA TYR A 139 -32.20 31.04 -3.85
C TYR A 139 -32.82 32.18 -4.61
N TYR A 140 -33.02 31.98 -5.91
CA TYR A 140 -33.69 32.97 -6.71
C TYR A 140 -34.96 32.27 -7.17
N ASP A 141 -36.11 32.80 -6.78
CA ASP A 141 -37.38 32.19 -7.18
C ASP A 141 -37.90 32.86 -8.43
N ASN A 142 -37.80 32.15 -9.55
CA ASN A 142 -38.25 32.65 -10.83
C ASN A 142 -39.76 32.88 -10.86
N GLU A 143 -40.50 32.15 -10.03
CA GLU A 143 -41.94 32.29 -9.98
C GLU A 143 -42.38 33.62 -9.39
N SER A 144 -41.88 33.92 -8.20
CA SER A 144 -42.22 35.17 -7.51
C SER A 144 -41.23 36.28 -7.79
N GLY A 145 -39.99 35.90 -8.10
CA GLY A 145 -38.96 36.89 -8.36
C GLY A 145 -38.23 37.25 -7.09
N ASN A 146 -38.54 36.53 -6.02
CA ASN A 146 -37.91 36.79 -4.72
C ASN A 146 -36.59 36.08 -4.56
N LEU A 147 -35.68 36.71 -3.81
CA LEU A 147 -34.39 36.14 -3.48
C LEU A 147 -34.68 35.55 -2.10
N GLN A 148 -34.97 34.25 -2.06
CA GLN A 148 -35.32 33.59 -0.81
C GLN A 148 -34.18 33.03 0.02
N ILE A 149 -34.10 33.45 1.28
CA ILE A 149 -33.09 32.96 2.21
C ILE A 149 -33.60 31.67 2.83
N MET A 150 -32.70 30.72 3.08
CA MET A 150 -33.12 29.47 3.70
C MET A 150 -31.98 28.78 4.42
N THR A 151 -32.29 28.16 5.55
CA THR A 151 -31.30 27.41 6.31
C THR A 151 -31.55 25.94 5.94
N VAL A 152 -30.50 25.28 5.47
CA VAL A 152 -30.62 23.88 5.08
C VAL A 152 -29.96 23.01 6.15
N GLU A 153 -30.68 22.01 6.62
CA GLU A 153 -30.16 21.10 7.65
C GLU A 153 -29.45 19.94 6.95
N ASN A 154 -28.27 19.60 7.43
CA ASN A 154 -27.46 18.56 6.81
C ASN A 154 -27.28 19.05 5.38
N HIS A 155 -27.16 18.14 4.42
CA HIS A 155 -26.99 18.57 3.03
C HIS A 155 -28.31 18.50 2.26
N PHE A 156 -29.29 17.81 2.81
CA PHE A 156 -30.55 17.59 2.08
C PHE A 156 -31.89 18.00 2.65
N MET A 157 -31.91 18.68 3.80
CA MET A 157 -33.19 19.08 4.35
C MET A 157 -33.46 20.57 4.23
N ASN A 158 -34.66 20.90 3.76
CA ASN A 158 -35.16 22.28 3.60
C ASN A 158 -34.95 22.94 2.25
N HIS A 159 -34.40 22.23 1.28
CA HIS A 159 -34.20 22.83 -0.05
C HIS A 159 -35.57 23.14 -0.63
N ILE A 160 -35.64 24.17 -1.47
CA ILE A 160 -36.88 24.49 -2.13
C ILE A 160 -36.65 23.92 -3.52
N ALA A 161 -37.48 22.95 -3.90
CA ALA A 161 -37.38 22.25 -5.18
C ALA A 161 -37.14 23.11 -6.42
N GLU A 162 -36.15 22.69 -7.21
CA GLU A 162 -35.80 23.33 -8.49
C GLU A 162 -35.16 24.73 -8.49
N LEU A 163 -35.16 25.42 -7.35
CA LEU A 163 -34.59 26.76 -7.33
C LEU A 163 -33.06 26.77 -7.34
N PRO A 164 -32.45 27.65 -8.14
CA PRO A 164 -30.99 27.77 -8.24
C PRO A 164 -30.39 28.49 -7.05
N VAL A 165 -29.18 28.09 -6.68
CA VAL A 165 -28.46 28.68 -5.57
C VAL A 165 -27.66 29.87 -6.09
N ILE A 166 -27.81 31.02 -5.42
CA ILE A 166 -27.11 32.24 -5.82
C ILE A 166 -25.93 32.53 -4.88
N LEU A 167 -26.16 32.32 -3.59
CA LEU A 167 -25.17 32.55 -2.55
C LEU A 167 -25.24 31.40 -1.54
N ILE A 168 -24.10 30.98 -1.00
CA ILE A 168 -24.11 29.88 -0.06
C ILE A 168 -22.95 29.84 0.93
N VAL A 169 -23.24 29.43 2.16
CA VAL A 169 -22.22 29.32 3.20
C VAL A 169 -22.32 27.95 3.85
N ASP A 170 -21.19 27.26 3.93
CA ASP A 170 -21.14 25.95 4.55
C ASP A 170 -21.08 26.17 6.06
N GLU A 171 -21.95 25.52 6.81
CA GLU A 171 -21.97 25.69 8.25
C GLU A 171 -21.75 24.39 9.02
N PHE A 172 -21.23 23.38 8.34
CA PHE A 172 -20.90 22.13 9.00
C PHE A 172 -19.69 22.53 9.83
N GLU A 173 -19.53 21.95 11.01
CA GLU A 173 -18.40 22.32 11.88
C GLU A 173 -17.03 22.18 11.22
N HIS A 174 -16.89 21.22 10.30
CA HIS A 174 -15.61 21.00 9.63
C HIS A 174 -15.20 22.19 8.75
N ALA A 175 -16.14 23.09 8.49
CA ALA A 175 -15.85 24.24 7.66
C ALA A 175 -15.10 25.36 8.39
N TYR A 176 -15.05 25.29 9.71
CA TYR A 176 -14.39 26.35 10.48
C TYR A 176 -13.78 25.95 11.81
N TYR A 177 -14.06 24.74 12.30
CA TYR A 177 -13.56 24.33 13.61
C TYR A 177 -12.08 24.43 13.90
N LEU A 178 -11.25 23.96 12.99
CA LEU A 178 -9.81 24.01 13.18
C LEU A 178 -9.31 25.42 13.51
N GLN A 179 -9.93 26.43 12.91
CA GLN A 179 -9.53 27.80 13.10
C GLN A 179 -10.37 28.61 14.09
N TYR A 180 -11.69 28.45 14.02
CA TYR A 180 -12.59 29.21 14.90
C TYR A 180 -13.20 28.41 16.05
N LYS A 181 -12.96 27.11 16.08
CA LYS A 181 -13.54 26.28 17.13
C LYS A 181 -15.06 26.46 17.11
N ASN A 182 -15.66 26.61 18.28
CA ASN A 182 -17.11 26.77 18.35
C ASN A 182 -17.61 28.17 18.03
N LYS A 183 -16.71 29.04 17.59
CA LYS A 183 -17.08 30.42 17.27
C LYS A 183 -17.61 30.58 15.85
N ARG A 184 -18.75 29.95 15.59
CA ARG A 184 -19.38 29.98 14.28
C ARG A 184 -19.68 31.40 13.79
N GLY A 185 -20.09 32.27 14.72
CA GLY A 185 -20.41 33.64 14.37
C GLY A 185 -19.20 34.39 13.84
N ASP A 186 -18.03 34.13 14.41
CA ASP A 186 -16.79 34.76 13.97
C ASP A 186 -16.46 34.32 12.54
N TYR A 187 -16.71 33.03 12.26
CA TYR A 187 -16.44 32.48 10.94
C TYR A 187 -17.34 33.14 9.90
N LEU A 188 -18.62 33.31 10.24
CA LEU A 188 -19.56 33.93 9.32
C LEU A 188 -19.17 35.37 8.99
N ASN A 189 -18.65 36.10 9.96
CA ASN A 189 -18.22 37.47 9.74
C ASN A 189 -17.01 37.49 8.80
N ALA A 190 -16.12 36.52 8.95
CA ALA A 190 -14.93 36.43 8.11
C ALA A 190 -15.29 36.06 6.68
N TRP A 191 -16.22 35.12 6.54
CA TRP A 191 -16.67 34.64 5.24
C TRP A 191 -17.08 35.75 4.27
N TRP A 192 -17.71 36.80 4.78
CA TRP A 192 -18.14 37.91 3.92
C TRP A 192 -16.98 38.52 3.13
N ASN A 193 -15.76 38.38 3.66
CA ASN A 193 -14.58 38.93 3.00
C ASN A 193 -14.08 38.15 1.79
N VAL A 194 -14.58 36.93 1.61
CA VAL A 194 -14.14 36.10 0.48
C VAL A 194 -15.28 35.73 -0.45
N VAL A 195 -16.45 36.33 -0.26
CA VAL A 195 -17.59 36.02 -1.12
C VAL A 195 -17.30 36.47 -2.54
N ASN A 196 -17.57 35.61 -3.51
CA ASN A 196 -17.34 35.93 -4.91
C ASN A 196 -18.64 36.44 -5.55
N TRP A 197 -18.83 37.75 -5.47
CA TRP A 197 -20.02 38.38 -6.02
C TRP A 197 -20.16 38.26 -7.53
N ASP A 198 -19.04 38.08 -8.23
CA ASP A 198 -19.08 37.94 -9.68
C ASP A 198 -19.75 36.62 -10.00
N ASP A 199 -19.35 35.58 -9.28
CA ASP A 199 -19.93 34.26 -9.46
C ASP A 199 -21.42 34.32 -9.16
N ALA A 200 -21.79 34.99 -8.06
CA ALA A 200 -23.20 35.10 -7.67
C ALA A 200 -24.01 35.80 -8.76
N GLU A 201 -23.48 36.90 -9.29
CA GLU A 201 -24.19 37.65 -10.32
C GLU A 201 -24.35 36.80 -11.58
N LYS A 202 -23.33 36.00 -11.89
CA LYS A 202 -23.36 35.14 -13.06
C LYS A 202 -24.47 34.11 -12.94
N ARG A 203 -24.63 33.55 -11.74
CA ARG A 203 -25.67 32.54 -11.51
C ARG A 203 -27.05 33.16 -11.70
N LEU A 204 -27.24 34.36 -11.17
CA LEU A 204 -28.52 35.05 -11.30
C LEU A 204 -28.87 35.36 -12.75
N GLN A 205 -27.90 35.90 -13.48
CA GLN A 205 -28.10 36.24 -14.89
C GLN A 205 -28.58 35.05 -15.71
N LYS A 206 -28.21 33.85 -15.27
CA LYS A 206 -28.59 32.62 -15.95
C LYS A 206 -30.10 32.36 -15.92
N TYR A 207 -30.80 32.91 -14.92
CA TYR A 207 -32.23 32.68 -14.79
C TYR A 207 -33.11 33.91 -14.93
N LEU A 208 -32.50 35.08 -15.11
CA LEU A 208 -33.26 36.30 -15.26
C LEU A 208 -34.01 36.33 -16.59
N ASN A 209 -35.32 36.56 -16.50
CA ASN A 209 -36.19 36.62 -17.68
C ASN A 209 -36.10 35.37 -18.54
N LYS A 210 -36.03 34.21 -17.89
CA LYS A 210 -35.95 32.93 -18.58
C LYS A 210 -36.77 31.88 -17.84
N VAL B 3 -47.13 30.70 41.03
CA VAL B 3 -48.15 31.03 40.00
C VAL B 3 -47.54 30.98 38.61
N ILE B 4 -47.97 30.00 37.82
CA ILE B 4 -47.46 29.83 36.46
C ILE B 4 -45.94 29.95 36.43
N GLN B 5 -45.26 28.82 36.48
CA GLN B 5 -43.81 28.83 36.45
C GLN B 5 -43.24 27.48 36.04
N LEU B 6 -42.25 27.52 35.16
CA LEU B 6 -41.58 26.32 34.70
C LEU B 6 -40.19 26.31 35.29
N LYS B 7 -39.65 25.11 35.54
CA LYS B 7 -38.32 25.01 36.11
C LYS B 7 -37.28 25.09 34.99
N ARG B 8 -36.08 25.53 35.34
CA ARG B 8 -35.02 25.65 34.35
C ARG B 8 -33.99 24.54 34.56
N TYR B 9 -33.12 24.35 33.58
CA TYR B 9 -32.09 23.32 33.66
C TYR B 9 -30.81 23.85 34.28
N GLU B 10 -30.07 22.96 34.92
CA GLU B 10 -28.81 23.32 35.55
C GLU B 10 -27.64 22.67 34.82
N PHE B 11 -26.56 23.42 34.70
CA PHE B 11 -25.36 22.92 34.03
C PHE B 11 -24.66 21.96 35.00
N PRO B 12 -24.54 20.67 34.61
CA PRO B 12 -23.89 19.68 35.47
C PRO B 12 -22.36 19.80 35.50
N GLN B 13 -21.77 19.15 36.49
CA GLN B 13 -20.31 19.16 36.63
C GLN B 13 -19.70 17.98 35.89
N LEU B 14 -18.48 18.18 35.38
CA LEU B 14 -17.79 17.11 34.68
C LEU B 14 -17.39 16.10 35.76
N PRO B 15 -17.54 14.80 35.48
CA PRO B 15 -17.18 13.75 36.45
C PRO B 15 -15.68 13.54 36.66
N TYR B 16 -14.86 14.24 35.88
CA TYR B 16 -13.42 14.10 36.00
C TYR B 16 -12.76 15.36 35.46
N LYS B 17 -11.43 15.39 35.43
CA LYS B 17 -10.70 16.54 34.90
C LYS B 17 -10.75 16.51 33.37
N VAL B 18 -10.65 17.68 32.76
CA VAL B 18 -10.72 17.79 31.30
C VAL B 18 -9.65 17.02 30.55
N ASP B 19 -8.60 16.60 31.24
CA ASP B 19 -7.53 15.84 30.58
C ASP B 19 -7.52 14.39 31.00
N ALA B 20 -8.58 13.96 31.69
CA ALA B 20 -8.70 12.60 32.18
C ALA B 20 -8.91 11.54 31.11
N LEU B 21 -9.32 11.94 29.92
CA LEU B 21 -9.57 11.00 28.83
C LEU B 21 -8.43 10.88 27.83
N GLU B 22 -7.33 11.57 28.09
CA GLU B 22 -6.17 11.52 27.20
C GLU B 22 -5.50 10.15 27.31
N PRO B 23 -4.83 9.70 26.24
CA PRO B 23 -4.65 10.33 24.93
C PRO B 23 -5.76 10.10 23.91
N TYR B 24 -6.81 9.38 24.32
CA TYR B 24 -7.91 9.07 23.42
C TYR B 24 -8.69 10.30 22.98
N ILE B 25 -8.95 11.20 23.93
CA ILE B 25 -9.67 12.44 23.63
C ILE B 25 -8.92 13.55 24.34
N SER B 26 -8.28 14.43 23.57
CA SER B 26 -7.50 15.53 24.14
C SER B 26 -8.30 16.51 25.01
N LYS B 27 -7.63 17.08 25.99
CA LYS B 27 -8.24 18.03 26.91
C LYS B 27 -8.72 19.27 26.16
N ASP B 28 -8.11 19.53 25.00
CA ASP B 28 -8.50 20.68 24.19
C ASP B 28 -9.93 20.51 23.71
N ILE B 29 -10.30 19.27 23.41
CA ILE B 29 -11.64 18.97 22.93
C ILE B 29 -12.63 18.98 24.09
N ILE B 30 -12.29 18.28 25.17
CA ILE B 30 -13.15 18.19 26.34
C ILE B 30 -13.49 19.56 26.92
N ASP B 31 -12.49 20.43 26.98
CA ASP B 31 -12.68 21.77 27.52
C ASP B 31 -13.77 22.57 26.80
N VAL B 32 -13.64 22.73 25.49
CA VAL B 32 -14.62 23.47 24.70
C VAL B 32 -15.92 22.69 24.49
N HIS B 33 -15.81 21.37 24.45
CA HIS B 33 -16.99 20.50 24.27
C HIS B 33 -17.90 20.66 25.48
N TYR B 34 -17.30 20.74 26.66
CA TYR B 34 -18.03 20.88 27.91
C TYR B 34 -18.38 22.33 28.24
N ASN B 35 -17.36 23.17 28.37
CA ASN B 35 -17.57 24.57 28.70
C ASN B 35 -18.19 25.39 27.58
N GLY B 36 -18.05 24.90 26.35
CA GLY B 36 -18.59 25.62 25.23
C GLY B 36 -19.93 25.10 24.74
N HIS B 37 -19.91 23.93 24.11
CA HIS B 37 -21.13 23.34 23.58
C HIS B 37 -22.19 22.96 24.61
N HIS B 38 -21.84 22.12 25.58
CA HIS B 38 -22.83 21.71 26.57
C HIS B 38 -23.45 22.89 27.31
N LYS B 39 -22.62 23.80 27.81
CA LYS B 39 -23.12 24.96 28.52
C LYS B 39 -24.07 25.75 27.62
N GLY B 40 -23.73 25.82 26.33
CA GLY B 40 -24.55 26.53 25.38
C GLY B 40 -25.94 25.93 25.20
N TYR B 41 -26.06 24.61 25.33
CA TYR B 41 -27.35 23.93 25.17
C TYR B 41 -28.24 24.25 26.36
N VAL B 42 -27.64 24.33 27.55
CA VAL B 42 -28.40 24.63 28.76
C VAL B 42 -28.91 26.06 28.69
N ASN B 43 -28.05 26.98 28.27
CA ASN B 43 -28.43 28.38 28.18
C ASN B 43 -29.50 28.56 27.10
N GLY B 44 -29.36 27.86 25.99
CA GLY B 44 -30.32 27.97 24.91
C GLY B 44 -31.69 27.45 25.32
N ALA B 45 -31.71 26.34 26.04
CA ALA B 45 -32.95 25.75 26.50
C ALA B 45 -33.65 26.65 27.51
N ASN B 46 -32.89 27.22 28.43
CA ASN B 46 -33.44 28.10 29.46
C ASN B 46 -34.00 29.40 28.89
N SER B 47 -33.32 29.93 27.88
CA SER B 47 -33.76 31.16 27.26
C SER B 47 -35.06 30.93 26.48
N LEU B 48 -35.23 29.73 25.96
CA LEU B 48 -36.46 29.42 25.22
C LEU B 48 -37.60 29.09 26.20
N LEU B 49 -37.25 28.59 27.38
CA LEU B 49 -38.23 28.27 28.41
C LEU B 49 -38.82 29.58 28.95
N ASP B 50 -37.98 30.62 28.96
CA ASP B 50 -38.42 31.93 29.43
C ASP B 50 -39.53 32.42 28.50
N ARG B 51 -39.28 32.32 27.20
CA ARG B 51 -40.25 32.75 26.19
C ARG B 51 -41.54 31.93 26.27
N LEU B 52 -41.42 30.62 26.41
CA LEU B 52 -42.59 29.76 26.49
C LEU B 52 -43.40 30.11 27.74
N GLU B 53 -42.70 30.40 28.82
CA GLU B 53 -43.35 30.76 30.08
C GLU B 53 -44.15 32.04 29.90
N LYS B 54 -43.54 33.03 29.27
CA LYS B 54 -44.21 34.31 29.02
C LYS B 54 -45.44 34.10 28.15
N LEU B 55 -45.30 33.23 27.16
CA LEU B 55 -46.38 32.91 26.24
C LEU B 55 -47.56 32.32 27.02
N ILE B 56 -47.27 31.36 27.89
CA ILE B 56 -48.30 30.70 28.68
C ILE B 56 -49.01 31.68 29.59
N LYS B 57 -48.24 32.60 30.17
CA LYS B 57 -48.78 33.61 31.09
C LYS B 57 -49.60 34.67 30.36
N GLY B 58 -49.24 34.92 29.11
CA GLY B 58 -49.95 35.92 28.33
C GLY B 58 -49.14 37.20 28.17
N ASP B 59 -47.93 37.20 28.73
CA ASP B 59 -47.06 38.37 28.63
C ASP B 59 -46.53 38.52 27.21
N LEU B 60 -46.49 37.41 26.49
CA LEU B 60 -46.05 37.40 25.09
C LEU B 60 -47.31 37.09 24.27
N PRO B 61 -47.96 38.13 23.75
CA PRO B 61 -49.18 38.00 22.95
C PRO B 61 -49.00 37.39 21.57
N GLN B 62 -50.07 36.81 21.04
CA GLN B 62 -50.02 36.21 19.72
C GLN B 62 -49.56 37.28 18.74
N GLY B 63 -48.69 36.88 17.82
CA GLY B 63 -48.17 37.82 16.85
C GLY B 63 -46.76 38.25 17.23
N GLN B 64 -46.33 37.90 18.43
CA GLN B 64 -45.00 38.27 18.87
C GLN B 64 -44.12 37.05 19.09
N TYR B 65 -44.51 35.94 18.47
CA TYR B 65 -43.75 34.70 18.55
C TYR B 65 -44.17 33.77 17.42
N ASP B 66 -43.34 32.77 17.16
CA ASP B 66 -43.62 31.77 16.12
C ASP B 66 -43.36 30.44 16.85
N LEU B 67 -44.44 29.89 17.41
CA LEU B 67 -44.42 28.66 18.20
C LEU B 67 -43.52 27.53 17.71
N GLN B 68 -43.52 27.26 16.41
CA GLN B 68 -42.67 26.18 15.89
C GLN B 68 -41.20 26.49 16.13
N GLY B 69 -40.85 27.78 16.14
CA GLY B 69 -39.47 28.16 16.38
C GLY B 69 -39.09 27.86 17.82
N ILE B 70 -40.04 28.03 18.74
CA ILE B 70 -39.79 27.79 20.15
C ILE B 70 -39.76 26.29 20.45
N LEU B 71 -40.75 25.56 19.95
CA LEU B 71 -40.82 24.11 20.18
C LEU B 71 -39.65 23.35 19.58
N ARG B 72 -39.33 23.61 18.32
CA ARG B 72 -38.22 22.89 17.71
C ARG B 72 -36.89 23.30 18.35
N GLY B 73 -36.80 24.55 18.80
CA GLY B 73 -35.59 25.01 19.45
C GLY B 73 -35.38 24.29 20.77
N LEU B 74 -36.48 23.86 21.39
CA LEU B 74 -36.42 23.14 22.65
C LEU B 74 -35.96 21.69 22.49
N THR B 75 -36.40 20.98 21.44
CA THR B 75 -35.94 19.60 21.28
C THR B 75 -34.46 19.61 21.02
N PHE B 76 -34.03 20.55 20.19
CA PHE B 76 -32.63 20.70 19.86
C PHE B 76 -31.79 20.91 21.12
N ASN B 77 -32.09 21.97 21.85
CA ASN B 77 -31.34 22.30 23.06
C ASN B 77 -31.52 21.35 24.25
N ILE B 78 -32.74 20.91 24.51
CA ILE B 78 -32.96 20.00 25.63
C ILE B 78 -32.26 18.66 25.40
N ASN B 79 -32.38 18.13 24.19
CA ASN B 79 -31.73 16.87 23.86
C ASN B 79 -30.21 17.06 23.88
N GLY B 80 -29.75 18.21 23.38
CA GLY B 80 -28.34 18.50 23.38
C GLY B 80 -27.77 18.41 24.79
N HIS B 81 -28.47 18.98 25.75
CA HIS B 81 -28.05 18.96 27.15
C HIS B 81 -28.12 17.56 27.74
N LYS B 82 -29.28 16.92 27.67
CA LYS B 82 -29.47 15.59 28.22
C LYS B 82 -28.52 14.53 27.66
N LEU B 83 -28.30 14.55 26.34
CA LEU B 83 -27.41 13.58 25.71
C LEU B 83 -25.95 13.76 26.11
N HIS B 84 -25.51 15.00 26.28
CA HIS B 84 -24.13 15.24 26.69
C HIS B 84 -23.94 14.84 28.15
N ALA B 85 -24.99 15.03 28.95
CA ALA B 85 -24.93 14.66 30.36
C ALA B 85 -24.71 13.16 30.51
N ILE B 86 -25.33 12.38 29.64
CA ILE B 86 -25.16 10.93 29.69
C ILE B 86 -23.77 10.60 29.17
N TYR B 87 -23.41 11.24 28.07
CA TYR B 87 -22.11 11.04 27.44
C TYR B 87 -20.93 11.15 28.42
N TRP B 88 -20.87 12.24 29.19
CA TRP B 88 -19.78 12.45 30.16
C TRP B 88 -19.68 11.30 31.17
N ASN B 89 -20.83 10.85 31.67
CA ASN B 89 -20.86 9.77 32.65
C ASN B 89 -20.65 8.39 32.02
N ASN B 90 -20.90 8.29 30.72
CA ASN B 90 -20.75 7.03 30.00
C ASN B 90 -19.29 6.76 29.62
N MET B 91 -18.40 7.66 30.04
CA MET B 91 -16.98 7.51 29.78
C MET B 91 -16.23 7.56 31.12
N ALA B 92 -15.02 7.04 31.15
CA ALA B 92 -14.21 7.03 32.36
C ALA B 92 -12.74 7.07 32.00
N PRO B 93 -11.89 7.67 32.86
CA PRO B 93 -10.46 7.74 32.59
C PRO B 93 -9.87 6.41 32.15
N ALA B 94 -8.86 6.48 31.28
CA ALA B 94 -8.17 5.33 30.72
C ALA B 94 -8.26 4.05 31.53
N GLY B 95 -7.75 4.09 32.76
CA GLY B 95 -7.78 2.91 33.61
C GLY B 95 -9.15 2.38 34.02
N LYS B 96 -9.97 3.27 34.59
CA LYS B 96 -11.31 2.89 35.03
C LYS B 96 -12.23 2.51 33.88
N GLY B 97 -12.08 3.19 32.75
CA GLY B 97 -12.92 2.91 31.59
C GLY B 97 -12.31 1.92 30.62
N GLY B 98 -13.08 1.51 29.63
CA GLY B 98 -12.59 0.55 28.65
C GLY B 98 -12.82 -0.87 29.10
N GLY B 99 -12.24 -1.82 28.38
CA GLY B 99 -12.42 -3.21 28.75
C GLY B 99 -13.67 -3.84 28.17
N LYS B 100 -14.19 -4.84 28.86
CA LYS B 100 -15.38 -5.55 28.42
C LYS B 100 -16.50 -5.39 29.46
N PRO B 101 -17.76 -5.40 29.01
CA PRO B 101 -18.85 -5.26 29.99
C PRO B 101 -18.99 -6.49 30.88
N GLY B 102 -19.79 -6.35 31.92
CA GLY B 102 -20.01 -7.47 32.83
C GLY B 102 -21.47 -7.47 33.25
N GLY B 103 -21.79 -8.26 34.27
CA GLY B 103 -23.15 -8.33 34.77
C GLY B 103 -24.21 -8.68 33.75
N ALA B 104 -25.43 -8.21 33.99
CA ALA B 104 -26.55 -8.49 33.09
C ALA B 104 -26.31 -7.98 31.68
N LEU B 105 -25.61 -6.86 31.55
CA LEU B 105 -25.33 -6.28 30.24
C LEU B 105 -24.52 -7.24 29.38
N ALA B 106 -23.44 -7.79 29.95
CA ALA B 106 -22.59 -8.73 29.23
C ALA B 106 -23.39 -9.95 28.81
N ASP B 107 -24.31 -10.35 29.66
CA ASP B 107 -25.14 -11.52 29.40
C ASP B 107 -26.11 -11.31 28.26
N LEU B 108 -26.73 -10.14 28.21
CA LEU B 108 -27.68 -9.81 27.15
C LEU B 108 -26.96 -9.67 25.81
N ILE B 109 -25.78 -9.07 25.83
CA ILE B 109 -25.01 -8.88 24.61
C ILE B 109 -24.65 -10.24 24.01
N ASP B 110 -24.32 -11.19 24.86
CA ASP B 110 -23.96 -12.54 24.41
C ASP B 110 -25.14 -13.22 23.76
N LYS B 111 -26.30 -13.12 24.40
CA LYS B 111 -27.51 -13.75 23.91
C LYS B 111 -28.04 -13.14 22.61
N GLN B 112 -27.86 -11.83 22.45
CA GLN B 112 -28.37 -11.14 21.27
C GLN B 112 -27.36 -10.89 20.16
N TYR B 113 -26.08 -10.86 20.50
CA TYR B 113 -25.04 -10.62 19.49
C TYR B 113 -24.05 -11.77 19.37
N GLY B 114 -24.18 -12.77 20.24
CA GLY B 114 -23.27 -13.90 20.20
C GLY B 114 -22.04 -13.69 21.05
N SER B 115 -21.51 -12.48 21.05
CA SER B 115 -20.34 -12.17 21.84
C SER B 115 -20.07 -10.66 21.84
N PHE B 116 -19.20 -10.21 22.73
CA PHE B 116 -18.87 -8.79 22.81
C PHE B 116 -18.16 -8.32 21.54
N ASP B 117 -17.37 -9.20 20.93
CA ASP B 117 -16.63 -8.87 19.71
C ASP B 117 -17.56 -8.57 18.54
N ARG B 118 -18.61 -9.37 18.38
CA ARG B 118 -19.57 -9.17 17.29
C ARG B 118 -20.34 -7.89 17.56
N PHE B 119 -20.77 -7.72 18.80
CA PHE B 119 -21.50 -6.52 19.19
C PHE B 119 -20.69 -5.30 18.83
N LYS B 120 -19.41 -5.32 19.20
CA LYS B 120 -18.50 -4.21 18.92
C LYS B 120 -18.44 -3.94 17.41
N GLN B 121 -18.42 -5.02 16.63
CA GLN B 121 -18.36 -4.93 15.18
C GLN B 121 -19.62 -4.30 14.63
N VAL B 122 -20.77 -4.79 15.08
CA VAL B 122 -22.05 -4.27 14.59
C VAL B 122 -22.29 -2.83 15.06
N PHE B 123 -21.93 -2.52 16.30
CA PHE B 123 -22.12 -1.17 16.82
C PHE B 123 -21.25 -0.19 16.05
N SER B 124 -20.01 -0.59 15.76
CA SER B 124 -19.10 0.26 15.03
C SER B 124 -19.58 0.49 13.61
N GLU B 125 -20.08 -0.58 12.98
CA GLU B 125 -20.58 -0.49 11.62
C GLU B 125 -21.76 0.50 11.55
N SER B 126 -22.63 0.45 12.55
CA SER B 126 -23.80 1.33 12.62
C SER B 126 -23.34 2.77 12.83
N ALA B 127 -22.38 2.96 13.72
CA ALA B 127 -21.87 4.29 14.02
C ALA B 127 -21.21 4.92 12.79
N ASN B 128 -20.52 4.11 12.00
CA ASN B 128 -19.86 4.62 10.81
C ASN B 128 -20.84 4.91 9.68
N SER B 129 -22.04 4.33 9.76
CA SER B 129 -23.06 4.53 8.74
C SER B 129 -23.85 5.82 8.91
N LEU B 130 -23.71 6.46 10.08
CA LEU B 130 -24.42 7.69 10.35
C LEU B 130 -24.09 8.78 9.34
N PRO B 131 -25.11 9.30 8.64
CA PRO B 131 -24.88 10.35 7.65
C PRO B 131 -24.83 11.75 8.26
N GLY B 132 -23.62 12.23 8.53
CA GLY B 132 -23.47 13.57 9.09
C GLY B 132 -23.30 13.57 10.59
N SER B 133 -23.70 14.67 11.23
CA SER B 133 -23.59 14.82 12.68
C SER B 133 -24.72 14.15 13.45
N GLY B 134 -24.39 13.56 14.59
CA GLY B 134 -25.38 12.88 15.39
C GLY B 134 -24.75 12.02 16.46
N TRP B 135 -25.48 11.00 16.88
CA TRP B 135 -25.01 10.08 17.90
C TRP B 135 -25.42 8.67 17.53
N THR B 136 -24.79 7.67 18.13
CA THR B 136 -25.17 6.28 17.93
C THR B 136 -25.46 5.84 19.36
N VAL B 137 -26.64 5.28 19.56
CA VAL B 137 -27.06 4.88 20.90
C VAL B 137 -27.48 3.43 20.99
N LEU B 138 -27.45 2.91 22.21
CA LEU B 138 -27.89 1.55 22.49
C LEU B 138 -28.99 1.72 23.52
N TYR B 139 -30.22 1.40 23.13
CA TYR B 139 -31.36 1.50 24.04
C TYR B 139 -31.67 0.12 24.60
N TYR B 140 -32.41 0.10 25.70
CA TYR B 140 -32.86 -1.16 26.25
C TYR B 140 -34.37 -1.09 26.11
N ASP B 141 -34.93 -2.00 25.33
CA ASP B 141 -36.38 -2.03 25.13
C ASP B 141 -37.02 -2.97 26.15
N ASN B 142 -37.68 -2.38 27.14
CA ASN B 142 -38.33 -3.16 28.19
C ASN B 142 -39.48 -4.02 27.65
N GLU B 143 -40.07 -3.60 26.53
CA GLU B 143 -41.17 -4.35 25.95
C GLU B 143 -40.71 -5.67 25.36
N SER B 144 -39.72 -5.62 24.46
CA SER B 144 -39.22 -6.81 23.81
C SER B 144 -38.02 -7.41 24.53
N GLY B 145 -37.30 -6.58 25.28
CA GLY B 145 -36.14 -7.05 26.01
C GLY B 145 -34.89 -6.93 25.15
N ASN B 146 -35.03 -6.34 23.97
CA ASN B 146 -33.91 -6.17 23.06
C ASN B 146 -33.05 -4.97 23.38
N LEU B 147 -31.76 -5.08 23.07
CA LEU B 147 -30.81 -3.98 23.25
C LEU B 147 -30.79 -3.43 21.83
N GLN B 148 -31.52 -2.35 21.58
CA GLN B 148 -31.61 -1.78 20.24
C GLN B 148 -30.60 -0.70 19.89
N ILE B 149 -29.88 -0.92 18.80
CA ILE B 149 -28.89 0.05 18.33
C ILE B 149 -29.64 1.03 17.44
N MET B 150 -29.22 2.29 17.47
CA MET B 150 -29.86 3.31 16.64
C MET B 150 -28.93 4.49 16.38
N THR B 151 -28.97 5.01 15.15
CA THR B 151 -28.18 6.19 14.81
C THR B 151 -29.14 7.36 14.91
N VAL B 152 -28.75 8.37 15.69
CA VAL B 152 -29.58 9.55 15.91
C VAL B 152 -29.00 10.71 15.11
N GLU B 153 -29.85 11.35 14.31
CA GLU B 153 -29.42 12.49 13.50
C GLU B 153 -29.62 13.76 14.31
N ASN B 154 -28.61 14.61 14.33
CA ASN B 154 -28.66 15.84 15.12
C ASN B 154 -28.85 15.33 16.55
N HIS B 155 -29.53 16.10 17.41
CA HIS B 155 -29.76 15.64 18.78
C HIS B 155 -31.15 15.09 18.97
N PHE B 156 -32.03 15.30 17.99
CA PHE B 156 -33.42 14.93 18.16
C PHE B 156 -34.13 14.07 17.13
N MET B 157 -33.42 13.52 16.16
CA MET B 157 -34.11 12.70 15.17
C MET B 157 -33.72 11.23 15.29
N ASN B 158 -34.74 10.36 15.24
CA ASN B 158 -34.62 8.90 15.30
C ASN B 158 -34.66 8.26 16.69
N HIS B 159 -34.96 9.02 17.73
CA HIS B 159 -35.04 8.46 19.08
C HIS B 159 -36.25 7.53 19.11
N ILE B 160 -36.20 6.50 19.96
CA ILE B 160 -37.33 5.61 20.11
C ILE B 160 -37.92 6.10 21.42
N ALA B 161 -39.16 6.58 21.35
CA ALA B 161 -39.84 7.13 22.50
C ALA B 161 -39.75 6.32 23.80
N GLU B 162 -39.48 7.03 24.90
CA GLU B 162 -39.40 6.46 26.24
C GLU B 162 -38.28 5.49 26.60
N LEU B 163 -37.54 4.98 25.62
CA LEU B 163 -36.49 4.02 25.92
C LEU B 163 -35.24 4.65 26.54
N PRO B 164 -34.69 4.01 27.58
CA PRO B 164 -33.50 4.51 28.27
C PRO B 164 -32.23 4.23 27.48
N VAL B 165 -31.27 5.15 27.57
CA VAL B 165 -30.00 5.03 26.89
C VAL B 165 -29.02 4.25 27.78
N ILE B 166 -28.41 3.21 27.21
CA ILE B 166 -27.47 2.38 27.95
C ILE B 166 -26.04 2.73 27.60
N LEU B 167 -25.79 2.95 26.31
CA LEU B 167 -24.47 3.28 25.79
C LEU B 167 -24.63 4.37 24.73
N ILE B 168 -23.69 5.31 24.66
CA ILE B 168 -23.80 6.40 23.70
C ILE B 168 -22.47 7.02 23.25
N VAL B 169 -22.39 7.36 21.97
CA VAL B 169 -21.21 7.98 21.37
C VAL B 169 -21.62 9.25 20.64
N ASP B 170 -20.94 10.34 20.94
CA ASP B 170 -21.22 11.63 20.29
C ASP B 170 -20.47 11.61 18.96
N GLU B 171 -21.18 11.88 17.87
CA GLU B 171 -20.54 11.88 16.55
C GLU B 171 -20.62 13.22 15.84
N PHE B 172 -20.87 14.28 16.60
CA PHE B 172 -20.89 15.62 16.03
C PHE B 172 -19.42 15.85 15.76
N GLU B 173 -19.09 16.59 14.71
CA GLU B 173 -17.69 16.81 14.38
C GLU B 173 -16.88 17.46 15.52
N HIS B 174 -17.50 18.32 16.31
CA HIS B 174 -16.79 18.96 17.41
C HIS B 174 -16.32 17.96 18.46
N ALA B 175 -16.83 16.74 18.41
CA ALA B 175 -16.44 15.73 19.39
C ALA B 175 -15.06 15.11 19.11
N TYR B 176 -14.53 15.30 17.90
CA TYR B 176 -13.24 14.70 17.56
C TYR B 176 -12.38 15.47 16.58
N TYR B 177 -12.95 16.47 15.91
CA TYR B 177 -12.21 17.20 14.89
C TYR B 177 -10.83 17.77 15.22
N LEU B 178 -10.71 18.45 16.36
CA LEU B 178 -9.41 19.04 16.71
C LEU B 178 -8.29 18.01 16.74
N GLN B 179 -8.62 16.78 17.11
CA GLN B 179 -7.61 15.72 17.22
C GLN B 179 -7.56 14.73 16.06
N TYR B 180 -8.72 14.32 15.56
CA TYR B 180 -8.78 13.34 14.48
C TYR B 180 -9.15 13.90 13.13
N LYS B 181 -9.53 15.17 13.09
CA LYS B 181 -9.95 15.78 11.84
C LYS B 181 -11.12 14.99 11.28
N ASN B 182 -11.10 14.72 9.97
CA ASN B 182 -12.18 13.99 9.33
C ASN B 182 -12.12 12.48 9.55
N LYS B 183 -11.18 12.02 10.38
CA LYS B 183 -11.04 10.59 10.64
C LYS B 183 -11.97 10.12 11.76
N ARG B 184 -13.27 10.14 11.49
CA ARG B 184 -14.27 9.72 12.46
C ARG B 184 -14.11 8.26 12.90
N GLY B 185 -13.72 7.40 11.95
CA GLY B 185 -13.52 6.00 12.27
C GLY B 185 -12.41 5.79 13.30
N ASP B 186 -11.37 6.62 13.23
CA ASP B 186 -10.26 6.52 14.17
C ASP B 186 -10.74 6.91 15.57
N TYR B 187 -11.57 7.93 15.63
CA TYR B 187 -12.11 8.40 16.91
C TYR B 187 -12.98 7.31 17.54
N LEU B 188 -13.79 6.66 16.71
CA LEU B 188 -14.67 5.60 17.21
C LEU B 188 -13.88 4.44 17.80
N ASN B 189 -12.75 4.11 17.19
CA ASN B 189 -11.92 3.02 17.68
C ASN B 189 -11.29 3.42 19.01
N ALA B 190 -10.94 4.70 19.13
CA ALA B 190 -10.31 5.20 20.35
C ALA B 190 -11.32 5.22 21.49
N TRP B 191 -12.53 5.68 21.18
CA TRP B 191 -13.60 5.79 22.16
C TRP B 191 -13.83 4.51 22.98
N TRP B 192 -13.72 3.35 22.34
CA TRP B 192 -13.92 2.07 23.02
C TRP B 192 -13.03 1.92 24.26
N ASN B 193 -11.89 2.62 24.28
CA ASN B 193 -10.95 2.54 25.39
C ASN B 193 -11.37 3.35 26.61
N VAL B 194 -12.34 4.24 26.47
CA VAL B 194 -12.75 5.04 27.62
C VAL B 194 -14.23 4.83 28.01
N VAL B 195 -14.86 3.82 27.42
CA VAL B 195 -16.25 3.52 27.73
C VAL B 195 -16.37 3.07 29.17
N ASN B 196 -17.33 3.63 29.89
CA ASN B 196 -17.56 3.28 31.29
C ASN B 196 -18.64 2.20 31.40
N TRP B 197 -18.23 0.95 31.36
CA TRP B 197 -19.18 -0.16 31.43
C TRP B 197 -19.91 -0.25 32.76
N ASP B 198 -19.33 0.30 33.82
CA ASP B 198 -19.98 0.26 35.12
C ASP B 198 -21.21 1.13 35.04
N ASP B 199 -21.05 2.29 34.41
CA ASP B 199 -22.13 3.25 34.24
C ASP B 199 -23.23 2.61 33.39
N ALA B 200 -22.82 1.95 32.31
CA ALA B 200 -23.76 1.29 31.41
C ALA B 200 -24.56 0.19 32.12
N GLU B 201 -23.89 -0.63 32.92
CA GLU B 201 -24.57 -1.70 33.63
C GLU B 201 -25.54 -1.14 34.68
N LYS B 202 -25.16 -0.02 35.29
CA LYS B 202 -25.99 0.65 36.30
C LYS B 202 -27.30 1.13 35.68
N ARG B 203 -27.22 1.69 34.47
CA ARG B 203 -28.40 2.18 33.77
C ARG B 203 -29.33 1.01 33.43
N LEU B 204 -28.75 -0.10 32.98
CA LEU B 204 -29.53 -1.27 32.63
C LEU B 204 -30.26 -1.84 33.84
N GLN B 205 -29.55 -1.98 34.95
CA GLN B 205 -30.13 -2.51 36.18
C GLN B 205 -31.35 -1.72 36.63
N LYS B 206 -31.37 -0.44 36.29
CA LYS B 206 -32.47 0.43 36.65
C LYS B 206 -33.80 0.04 36.00
N TYR B 207 -33.74 -0.65 34.87
CA TYR B 207 -34.96 -1.04 34.16
C TYR B 207 -35.22 -2.53 34.05
N LEU B 208 -34.29 -3.35 34.54
CA LEU B 208 -34.46 -4.79 34.47
C LEU B 208 -35.56 -5.26 35.40
N ASN B 209 -36.51 -6.02 34.85
CA ASN B 209 -37.64 -6.56 35.63
C ASN B 209 -38.45 -5.46 36.31
N LYS B 210 -38.60 -4.33 35.64
CA LYS B 210 -39.34 -3.21 36.18
C LYS B 210 -40.19 -2.56 35.09
N VAL C 3 -17.53 -26.68 7.41
CA VAL C 3 -17.94 -25.26 7.13
C VAL C 3 -16.72 -24.35 7.14
N ILE C 4 -16.37 -23.83 5.97
CA ILE C 4 -15.23 -22.93 5.83
C ILE C 4 -14.01 -23.46 6.58
N GLN C 5 -13.14 -24.15 5.86
CA GLN C 5 -11.95 -24.72 6.48
C GLN C 5 -10.88 -25.03 5.45
N LEU C 6 -9.64 -24.66 5.77
CA LEU C 6 -8.53 -24.91 4.89
C LEU C 6 -7.69 -26.00 5.54
N LYS C 7 -7.03 -26.82 4.73
CA LYS C 7 -6.20 -27.88 5.27
C LYS C 7 -4.83 -27.32 5.60
N ARG C 8 -4.14 -27.95 6.55
CA ARG C 8 -2.82 -27.49 6.95
C ARG C 8 -1.75 -28.45 6.39
N TYR C 9 -0.49 -28.05 6.48
CA TYR C 9 0.61 -28.86 5.98
C TYR C 9 1.18 -29.75 7.08
N GLU C 10 1.73 -30.88 6.67
CA GLU C 10 2.33 -31.81 7.62
C GLU C 10 3.84 -31.85 7.42
N PHE C 11 4.58 -31.98 8.51
CA PHE C 11 6.03 -32.04 8.45
C PHE C 11 6.42 -33.45 8.03
N PRO C 12 7.08 -33.60 6.86
CA PRO C 12 7.48 -34.92 6.36
C PRO C 12 8.65 -35.53 7.13
N GLN C 13 8.88 -36.81 6.90
CA GLN C 13 9.97 -37.53 7.55
C GLN C 13 11.18 -37.51 6.64
N LEU C 14 12.37 -37.50 7.24
CA LEU C 14 13.60 -37.52 6.48
C LEU C 14 13.70 -38.93 5.90
N PRO C 15 14.11 -39.06 4.63
CA PRO C 15 14.23 -40.36 3.98
C PRO C 15 15.42 -41.22 4.42
N TYR C 16 16.26 -40.69 5.32
CA TYR C 16 17.43 -41.40 5.81
C TYR C 16 17.87 -40.79 7.14
N LYS C 17 18.95 -41.32 7.70
CA LYS C 17 19.49 -40.80 8.96
C LYS C 17 20.18 -39.47 8.70
N VAL C 18 20.22 -38.60 9.70
CA VAL C 18 20.84 -37.29 9.52
C VAL C 18 22.32 -37.32 9.16
N ASP C 19 22.96 -38.46 9.36
CA ASP C 19 24.39 -38.59 9.04
C ASP C 19 24.63 -39.41 7.78
N ALA C 20 23.55 -39.72 7.08
CA ALA C 20 23.63 -40.53 5.86
C ALA C 20 24.34 -39.86 4.68
N LEU C 21 24.43 -38.53 4.69
CA LEU C 21 25.06 -37.84 3.58
C LEU C 21 26.52 -37.45 3.82
N GLU C 22 27.08 -37.89 4.94
CA GLU C 22 28.48 -37.59 5.23
C GLU C 22 29.38 -38.42 4.31
N PRO C 23 30.59 -37.92 4.01
CA PRO C 23 31.21 -36.66 4.45
C PRO C 23 30.85 -35.42 3.63
N TYR C 24 30.01 -35.57 2.62
CA TYR C 24 29.65 -34.45 1.76
C TYR C 24 28.85 -33.36 2.48
N ILE C 25 27.93 -33.76 3.35
CA ILE C 25 27.15 -32.80 4.13
C ILE C 25 27.05 -33.39 5.53
N SER C 26 27.69 -32.73 6.49
CA SER C 26 27.71 -33.20 7.87
C SER C 26 26.34 -33.33 8.50
N LYS C 27 26.24 -34.23 9.48
CA LYS C 27 25.00 -34.47 10.19
C LYS C 27 24.60 -33.24 11.00
N ASP C 28 25.59 -32.40 11.34
CA ASP C 28 25.31 -31.19 12.11
C ASP C 28 24.46 -30.24 11.29
N ILE C 29 24.69 -30.21 9.98
CA ILE C 29 23.92 -29.36 9.09
C ILE C 29 22.52 -29.95 8.86
N ILE C 30 22.47 -31.23 8.47
CA ILE C 30 21.20 -31.91 8.23
C ILE C 30 20.23 -31.84 9.41
N ASP C 31 20.78 -32.04 10.61
CA ASP C 31 19.97 -31.99 11.83
C ASP C 31 19.19 -30.68 11.97
N VAL C 32 19.90 -29.56 12.02
CA VAL C 32 19.27 -28.25 12.17
C VAL C 32 18.54 -27.81 10.89
N HIS C 33 19.05 -28.23 9.73
CA HIS C 33 18.43 -27.89 8.45
C HIS C 33 17.03 -28.51 8.38
N TYR C 34 16.92 -29.75 8.84
CA TYR C 34 15.65 -30.47 8.84
C TYR C 34 14.77 -30.13 10.04
N ASN C 35 15.28 -30.39 11.24
CA ASN C 35 14.52 -30.14 12.46
C ASN C 35 14.34 -28.65 12.79
N GLY C 36 15.21 -27.81 12.25
CA GLY C 36 15.12 -26.39 12.54
C GLY C 36 14.43 -25.59 11.45
N HIS C 37 15.11 -25.44 10.32
CA HIS C 37 14.56 -24.65 9.21
C HIS C 37 13.30 -25.22 8.56
N HIS C 38 13.35 -26.46 8.07
CA HIS C 38 12.19 -27.04 7.42
C HIS C 38 10.96 -27.05 8.32
N LYS C 39 11.12 -27.54 9.55
CA LYS C 39 10.00 -27.57 10.49
C LYS C 39 9.43 -26.17 10.68
N GLY C 40 10.32 -25.18 10.71
CA GLY C 40 9.89 -23.80 10.88
C GLY C 40 9.02 -23.28 9.75
N TYR C 41 9.29 -23.73 8.52
CA TYR C 41 8.50 -23.30 7.37
C TYR C 41 7.10 -23.88 7.42
N VAL C 42 6.98 -25.12 7.90
CA VAL C 42 5.68 -25.76 8.01
C VAL C 42 4.86 -25.04 9.08
N ASN C 43 5.48 -24.75 10.22
CA ASN C 43 4.81 -24.05 11.30
C ASN C 43 4.41 -22.64 10.88
N GLY C 44 5.31 -21.96 10.18
CA GLY C 44 5.02 -20.61 9.74
C GLY C 44 3.88 -20.57 8.76
N ALA C 45 3.81 -21.55 7.88
CA ALA C 45 2.76 -21.63 6.86
C ALA C 45 1.42 -21.88 7.52
N ASN C 46 1.40 -22.82 8.47
CA ASN C 46 0.17 -23.19 9.16
C ASN C 46 -0.38 -22.07 10.03
N SER C 47 0.51 -21.30 10.64
CA SER C 47 0.09 -20.19 11.49
C SER C 47 -0.50 -19.06 10.64
N LEU C 48 -0.06 -18.95 9.40
CA LEU C 48 -0.58 -17.92 8.51
C LEU C 48 -1.88 -18.39 7.87
N LEU C 49 -2.03 -19.71 7.73
CA LEU C 49 -3.26 -20.28 7.16
C LEU C 49 -4.38 -20.07 8.18
N ASP C 50 -4.03 -20.10 9.45
CA ASP C 50 -5.02 -19.89 10.51
C ASP C 50 -5.60 -18.49 10.36
N ARG C 51 -4.72 -17.52 10.16
CA ARG C 51 -5.13 -16.13 10.02
C ARG C 51 -5.98 -15.92 8.79
N LEU C 52 -5.57 -16.51 7.68
CA LEU C 52 -6.31 -16.38 6.43
C LEU C 52 -7.70 -17.02 6.59
N GLU C 53 -7.75 -18.14 7.28
CA GLU C 53 -9.02 -18.83 7.50
C GLU C 53 -9.96 -17.95 8.30
N LYS C 54 -9.44 -17.32 9.35
CA LYS C 54 -10.23 -16.44 10.20
C LYS C 54 -10.74 -15.25 9.39
N LEU C 55 -9.87 -14.73 8.53
CA LEU C 55 -10.20 -13.61 7.66
C LEU C 55 -11.36 -13.98 6.73
N ILE C 56 -11.26 -15.15 6.11
CA ILE C 56 -12.31 -15.61 5.20
C ILE C 56 -13.64 -15.82 5.93
N LYS C 57 -13.58 -16.33 7.15
CA LYS C 57 -14.78 -16.58 7.95
C LYS C 57 -15.40 -15.28 8.45
N GLY C 58 -14.56 -14.29 8.72
CA GLY C 58 -15.07 -13.02 9.22
C GLY C 58 -14.69 -12.79 10.67
N ASP C 59 -14.00 -13.76 11.26
CA ASP C 59 -13.57 -13.65 12.64
C ASP C 59 -12.47 -12.60 12.78
N LEU C 60 -11.74 -12.38 11.70
CA LEU C 60 -10.68 -11.37 11.67
C LEU C 60 -11.23 -10.26 10.78
N PRO C 61 -11.78 -9.21 11.39
CA PRO C 61 -12.35 -8.09 10.62
C PRO C 61 -11.31 -7.16 9.97
N GLN C 62 -11.75 -6.46 8.93
CA GLN C 62 -10.89 -5.53 8.23
C GLN C 62 -10.33 -4.53 9.23
N GLY C 63 -9.04 -4.24 9.11
CA GLY C 63 -8.41 -3.31 10.03
C GLY C 63 -7.61 -4.06 11.07
N GLN C 64 -7.74 -5.38 11.08
CA GLN C 64 -7.02 -6.20 12.04
C GLN C 64 -6.04 -7.14 11.34
N TYR C 65 -5.68 -6.79 10.11
CA TYR C 65 -4.74 -7.56 9.32
C TYR C 65 -4.23 -6.73 8.15
N ASP C 66 -3.14 -7.17 7.57
CA ASP C 66 -2.54 -6.50 6.42
C ASP C 66 -2.31 -7.63 5.41
N LEU C 67 -3.30 -7.82 4.55
CA LEU C 67 -3.32 -8.88 3.54
C LEU C 67 -1.99 -9.20 2.86
N GLN C 68 -1.28 -8.19 2.38
CA GLN C 68 -0.01 -8.43 1.71
C GLN C 68 0.99 -9.13 2.63
N GLY C 69 0.88 -8.86 3.92
CA GLY C 69 1.75 -9.50 4.88
C GLY C 69 1.43 -10.99 5.00
N ILE C 70 0.15 -11.33 4.86
CA ILE C 70 -0.28 -12.73 4.95
C ILE C 70 0.06 -13.48 3.65
N LEU C 71 -0.31 -12.90 2.51
CA LEU C 71 -0.05 -13.52 1.21
C LEU C 71 1.44 -13.74 0.93
N ARG C 72 2.27 -12.71 1.11
CA ARG C 72 3.69 -12.86 0.86
C ARG C 72 4.33 -13.79 1.88
N GLY C 73 3.78 -13.83 3.08
CA GLY C 73 4.32 -14.71 4.10
C GLY C 73 4.07 -16.16 3.72
N LEU C 74 2.99 -16.37 2.97
CA LEU C 74 2.62 -17.70 2.51
C LEU C 74 3.53 -18.23 1.38
N THR C 75 3.91 -17.39 0.41
CA THR C 75 4.80 -17.89 -0.66
C THR C 75 6.13 -18.27 -0.08
N PHE C 76 6.59 -17.44 0.86
CA PHE C 76 7.86 -17.67 1.51
C PHE C 76 7.86 -19.02 2.23
N ASN C 77 6.90 -19.18 3.15
CA ASN C 77 6.81 -20.40 3.93
C ASN C 77 6.38 -21.66 3.18
N ILE C 78 5.38 -21.54 2.31
CA ILE C 78 4.91 -22.70 1.56
C ILE C 78 5.98 -23.21 0.61
N ASN C 79 6.67 -22.29 -0.07
CA ASN C 79 7.72 -22.66 -1.00
C ASN C 79 8.89 -23.24 -0.20
N GLY C 80 9.17 -22.64 0.96
CA GLY C 80 10.24 -23.14 1.80
C GLY C 80 10.02 -24.60 2.16
N HIS C 81 8.78 -24.95 2.48
CA HIS C 81 8.43 -26.32 2.86
C HIS C 81 8.53 -27.26 1.65
N LYS C 82 7.80 -26.93 0.59
CA LYS C 82 7.76 -27.74 -0.62
C LYS C 82 9.12 -27.98 -1.25
N LEU C 83 9.95 -26.95 -1.34
CA LEU C 83 11.27 -27.10 -1.94
C LEU C 83 12.20 -27.96 -1.09
N HIS C 84 12.08 -27.86 0.23
CA HIS C 84 12.93 -28.67 1.11
C HIS C 84 12.48 -30.13 1.04
N ALA C 85 11.18 -30.34 0.84
CA ALA C 85 10.65 -31.69 0.74
C ALA C 85 11.25 -32.39 -0.49
N ILE C 86 11.36 -31.67 -1.60
CA ILE C 86 11.94 -32.23 -2.82
C ILE C 86 13.44 -32.47 -2.61
N TYR C 87 14.09 -31.49 -1.99
CA TYR C 87 15.53 -31.51 -1.70
C TYR C 87 15.97 -32.79 -0.99
N TRP C 88 15.31 -33.13 0.11
CA TRP C 88 15.65 -34.34 0.87
C TRP C 88 15.56 -35.61 0.02
N ASN C 89 14.50 -35.72 -0.77
CA ASN C 89 14.29 -36.89 -1.63
C ASN C 89 15.20 -36.89 -2.86
N ASN C 90 15.66 -35.70 -3.25
CA ASN C 90 16.53 -35.53 -4.40
C ASN C 90 17.99 -35.89 -4.11
N MET C 91 18.25 -36.31 -2.88
CA MET C 91 19.60 -36.72 -2.48
C MET C 91 19.51 -38.15 -1.94
N ALA C 92 20.64 -38.84 -1.89
CA ALA C 92 20.67 -40.21 -1.40
C ALA C 92 22.04 -40.50 -0.80
N PRO C 93 22.10 -41.41 0.18
CA PRO C 93 23.37 -41.76 0.82
C PRO C 93 24.49 -42.05 -0.17
N ALA C 94 25.70 -41.66 0.20
CA ALA C 94 26.90 -41.83 -0.60
C ALA C 94 26.81 -42.90 -1.67
N GLY C 95 26.61 -44.16 -1.26
CA GLY C 95 26.53 -45.25 -2.22
C GLY C 95 25.37 -45.18 -3.18
N LYS C 96 24.16 -45.03 -2.63
CA LYS C 96 22.95 -44.97 -3.44
C LYS C 96 22.90 -43.72 -4.33
N GLY C 97 23.38 -42.60 -3.80
CA GLY C 97 23.36 -41.37 -4.56
C GLY C 97 24.63 -41.12 -5.34
N GLY C 98 24.63 -40.08 -6.16
CA GLY C 98 25.80 -39.76 -6.96
C GLY C 98 25.81 -40.51 -8.28
N GLY C 99 26.92 -40.46 -9.00
CA GLY C 99 27.01 -41.15 -10.27
C GLY C 99 26.49 -40.33 -11.43
N LYS C 100 26.02 -41.03 -12.46
CA LYS C 100 25.50 -40.39 -13.65
C LYS C 100 24.03 -40.74 -13.82
N PRO C 101 23.23 -39.86 -14.45
CA PRO C 101 21.82 -40.20 -14.60
C PRO C 101 21.62 -41.29 -15.64
N GLY C 102 20.40 -41.82 -15.71
CA GLY C 102 20.09 -42.86 -16.66
C GLY C 102 18.69 -42.63 -17.20
N GLY C 103 18.17 -43.62 -17.92
CA GLY C 103 16.83 -43.52 -18.46
C GLY C 103 16.56 -42.34 -19.36
N ALA C 104 15.32 -41.87 -19.35
CA ALA C 104 14.90 -40.75 -20.17
C ALA C 104 15.64 -39.46 -19.84
N LEU C 105 15.97 -39.27 -18.57
CA LEU C 105 16.68 -38.07 -18.14
C LEU C 105 18.06 -37.97 -18.78
N ALA C 106 18.81 -39.07 -18.72
CA ALA C 106 20.14 -39.11 -19.31
C ALA C 106 20.08 -38.83 -20.82
N ASP C 107 19.01 -39.30 -21.46
CA ASP C 107 18.82 -39.13 -22.88
C ASP C 107 18.52 -37.67 -23.25
N LEU C 108 17.69 -37.01 -22.47
CA LEU C 108 17.36 -35.61 -22.73
C LEU C 108 18.59 -34.73 -22.49
N ILE C 109 19.34 -35.02 -21.43
CA ILE C 109 20.54 -34.26 -21.12
C ILE C 109 21.55 -34.34 -22.26
N ASP C 110 21.66 -35.50 -22.88
CA ASP C 110 22.59 -35.70 -23.99
C ASP C 110 22.16 -34.90 -25.22
N LYS C 111 20.85 -34.91 -25.48
CA LYS C 111 20.30 -34.21 -26.63
C LYS C 111 20.33 -32.69 -26.49
N GLN C 112 20.19 -32.18 -25.27
CA GLN C 112 20.17 -30.74 -25.07
C GLN C 112 21.47 -30.13 -24.57
N TYR C 113 22.32 -30.94 -23.94
CA TYR C 113 23.59 -30.43 -23.43
C TYR C 113 24.78 -31.13 -24.07
N GLY C 114 24.53 -32.14 -24.89
CA GLY C 114 25.61 -32.86 -25.54
C GLY C 114 26.14 -34.00 -24.70
N SER C 115 26.25 -33.79 -23.40
CA SER C 115 26.76 -34.83 -22.52
C SER C 115 26.49 -34.46 -21.07
N PHE C 116 26.66 -35.43 -20.18
CA PHE C 116 26.45 -35.20 -18.76
C PHE C 116 27.52 -34.25 -18.23
N ASP C 117 28.71 -34.32 -18.80
CA ASP C 117 29.82 -33.47 -18.38
C ASP C 117 29.55 -31.99 -18.66
N ARG C 118 29.02 -31.71 -19.83
CA ARG C 118 28.72 -30.32 -20.18
C ARG C 118 27.61 -29.85 -19.28
N PHE C 119 26.57 -30.66 -19.16
CA PHE C 119 25.43 -30.32 -18.31
C PHE C 119 25.92 -29.93 -16.92
N LYS C 120 26.79 -30.77 -16.36
CA LYS C 120 27.33 -30.53 -15.03
C LYS C 120 28.05 -29.19 -14.97
N GLN C 121 28.78 -28.87 -16.03
CA GLN C 121 29.52 -27.62 -16.09
C GLN C 121 28.57 -26.43 -16.16
N VAL C 122 27.56 -26.52 -17.01
CA VAL C 122 26.61 -25.42 -17.17
C VAL C 122 25.74 -25.24 -15.94
N PHE C 123 25.33 -26.34 -15.32
CA PHE C 123 24.50 -26.28 -14.12
C PHE C 123 25.30 -25.66 -12.98
N SER C 124 26.56 -26.05 -12.87
CA SER C 124 27.42 -25.53 -11.82
C SER C 124 27.69 -24.04 -12.01
N GLU C 125 27.91 -23.64 -13.26
CA GLU C 125 28.16 -22.23 -13.58
C GLU C 125 26.94 -21.38 -13.21
N SER C 126 25.75 -21.90 -13.48
CA SER C 126 24.52 -21.20 -13.16
C SER C 126 24.33 -21.12 -11.64
N ALA C 127 24.60 -22.22 -10.94
CA ALA C 127 24.47 -22.25 -9.49
C ALA C 127 25.40 -21.26 -8.80
N ASN C 128 26.60 -21.12 -9.33
CA ASN C 128 27.60 -20.21 -8.77
C ASN C 128 27.28 -18.74 -9.09
N SER C 129 26.44 -18.51 -10.09
CA SER C 129 26.08 -17.16 -10.48
C SER C 129 24.95 -16.58 -9.63
N LEU C 130 24.31 -17.41 -8.81
CA LEU C 130 23.21 -16.97 -7.97
C LEU C 130 23.64 -15.89 -6.97
N PRO C 131 23.04 -14.69 -7.06
CA PRO C 131 23.36 -13.57 -6.16
C PRO C 131 22.69 -13.68 -4.80
N GLY C 132 23.38 -14.28 -3.84
CA GLY C 132 22.81 -14.41 -2.51
C GLY C 132 22.19 -15.75 -2.24
N SER C 133 21.23 -15.78 -1.33
CA SER C 133 20.53 -16.99 -0.95
C SER C 133 19.44 -17.42 -1.92
N GLY C 134 19.32 -18.72 -2.13
CA GLY C 134 18.32 -19.23 -3.04
C GLY C 134 18.56 -20.68 -3.38
N TRP C 135 18.11 -21.06 -4.58
CA TRP C 135 18.24 -22.43 -5.08
C TRP C 135 18.52 -22.40 -6.57
N THR C 136 19.08 -23.50 -7.09
CA THR C 136 19.28 -23.61 -8.53
C THR C 136 18.45 -24.84 -8.85
N VAL C 137 17.56 -24.71 -9.82
CA VAL C 137 16.65 -25.78 -10.16
C VAL C 137 16.65 -26.16 -11.63
N LEU C 138 16.25 -27.40 -11.90
CA LEU C 138 16.13 -27.89 -13.27
C LEU C 138 14.68 -28.29 -13.43
N TYR C 139 13.96 -27.56 -14.28
CA TYR C 139 12.55 -27.85 -14.54
C TYR C 139 12.43 -28.64 -15.82
N TYR C 140 11.28 -29.25 -16.02
CA TYR C 140 11.00 -29.94 -17.26
C TYR C 140 9.84 -29.17 -17.85
N ASP C 141 10.03 -28.56 -19.02
CA ASP C 141 8.96 -27.83 -19.66
C ASP C 141 8.23 -28.75 -20.63
N ASN C 142 7.02 -29.15 -20.27
CA ASN C 142 6.22 -30.04 -21.10
C ASN C 142 5.83 -29.39 -22.41
N GLU C 143 5.76 -28.07 -22.43
CA GLU C 143 5.39 -27.35 -23.65
C GLU C 143 6.46 -27.44 -24.73
N SER C 144 7.69 -27.05 -24.38
CA SER C 144 8.79 -27.08 -25.34
C SER C 144 9.56 -28.39 -25.28
N GLY C 145 9.52 -29.06 -24.13
CA GLY C 145 10.24 -30.30 -23.96
C GLY C 145 11.65 -30.06 -23.44
N ASN C 146 11.95 -28.81 -23.13
CA ASN C 146 13.27 -28.44 -22.63
C ASN C 146 13.42 -28.67 -21.14
N LEU C 147 14.64 -28.98 -20.72
CA LEU C 147 14.97 -29.15 -19.32
C LEU C 147 15.56 -27.78 -19.02
N GLN C 148 14.78 -26.90 -18.42
CA GLN C 148 15.22 -25.53 -18.13
C GLN C 148 15.89 -25.29 -16.78
N ILE C 149 17.11 -24.75 -16.84
CA ILE C 149 17.87 -24.42 -15.64
C ILE C 149 17.42 -23.03 -15.17
N MET C 150 17.37 -22.82 -13.86
CA MET C 150 16.97 -21.53 -13.33
C MET C 150 17.49 -21.32 -11.92
N THR C 151 17.90 -20.09 -11.62
CA THR C 151 18.37 -19.75 -10.28
C THR C 151 17.17 -19.07 -9.60
N VAL C 152 16.79 -19.58 -8.44
CA VAL C 152 15.66 -19.03 -7.71
C VAL C 152 16.17 -18.20 -6.54
N GLU C 153 15.69 -16.97 -6.45
CA GLU C 153 16.10 -16.07 -5.36
C GLU C 153 15.14 -16.28 -4.19
N ASN C 154 15.70 -16.44 -3.00
CA ASN C 154 14.93 -16.71 -1.79
C ASN C 154 14.22 -18.03 -2.10
N HIS C 155 13.00 -18.23 -1.60
CA HIS C 155 12.27 -19.45 -1.89
C HIS C 155 11.20 -19.24 -2.97
N PHE C 156 10.89 -17.98 -3.25
CA PHE C 156 9.79 -17.68 -4.17
C PHE C 156 10.01 -16.78 -5.37
N MET C 157 11.25 -16.43 -5.69
CA MET C 157 11.47 -15.56 -6.84
C MET C 157 12.13 -16.29 -8.02
N ASN C 158 11.56 -16.09 -9.21
CA ASN C 158 12.06 -16.66 -10.47
C ASN C 158 11.52 -18.04 -10.89
N HIS C 159 10.59 -18.60 -10.14
CA HIS C 159 10.03 -19.90 -10.53
C HIS C 159 9.30 -19.73 -11.85
N ILE C 160 9.24 -20.82 -12.62
CA ILE C 160 8.50 -20.78 -13.87
C ILE C 160 7.19 -21.49 -13.51
N ALA C 161 6.09 -20.75 -13.63
CA ALA C 161 4.76 -21.25 -13.30
C ALA C 161 4.40 -22.65 -13.78
N GLU C 162 3.91 -23.48 -12.86
CA GLU C 162 3.46 -24.85 -13.13
C GLU C 162 4.48 -25.91 -13.50
N LEU C 163 5.72 -25.54 -13.76
CA LEU C 163 6.71 -26.53 -14.15
C LEU C 163 7.21 -27.37 -12.98
N PRO C 164 7.31 -28.71 -13.18
CA PRO C 164 7.79 -29.61 -12.12
C PRO C 164 9.30 -29.54 -11.94
N VAL C 165 9.76 -29.71 -10.71
CA VAL C 165 11.17 -29.68 -10.37
C VAL C 165 11.74 -31.09 -10.56
N ILE C 166 12.83 -31.20 -11.31
CA ILE C 166 13.47 -32.49 -11.56
C ILE C 166 14.73 -32.65 -10.73
N LEU C 167 15.51 -31.58 -10.62
CA LEU C 167 16.75 -31.57 -9.86
C LEU C 167 16.84 -30.24 -9.10
N ILE C 168 17.33 -30.27 -7.87
CA ILE C 168 17.41 -29.04 -7.07
C ILE C 168 18.53 -29.01 -6.04
N VAL C 169 19.15 -27.83 -5.88
CA VAL C 169 20.22 -27.63 -4.90
C VAL C 169 19.87 -26.43 -4.05
N ASP C 170 19.93 -26.60 -2.73
CA ASP C 170 19.64 -25.52 -1.80
C ASP C 170 20.91 -24.67 -1.68
N GLU C 171 20.79 -23.37 -1.88
CA GLU C 171 21.96 -22.50 -1.79
C GLU C 171 21.86 -21.44 -0.72
N PHE C 172 20.98 -21.66 0.26
CA PHE C 172 20.86 -20.73 1.37
C PHE C 172 22.13 -21.03 2.16
N GLU C 173 22.70 -20.03 2.81
CA GLU C 173 23.93 -20.25 3.56
C GLU C 173 23.81 -21.34 4.62
N HIS C 174 22.62 -21.50 5.20
CA HIS C 174 22.43 -22.51 6.23
C HIS C 174 22.61 -23.94 5.72
N ALA C 175 22.57 -24.11 4.41
CA ALA C 175 22.74 -25.43 3.82
C ALA C 175 24.19 -25.92 3.79
N TYR C 176 25.15 -25.03 4.03
CA TYR C 176 26.56 -25.42 3.96
C TYR C 176 27.53 -24.69 4.89
N TYR C 177 27.11 -23.57 5.45
CA TYR C 177 28.00 -22.77 6.29
C TYR C 177 28.78 -23.45 7.40
N LEU C 178 28.11 -24.27 8.20
CA LEU C 178 28.81 -24.94 9.30
C LEU C 178 30.02 -25.74 8.85
N GLN C 179 29.94 -26.30 7.65
CA GLN C 179 31.03 -27.12 7.14
C GLN C 179 31.94 -26.45 6.11
N TYR C 180 31.36 -25.69 5.21
CA TYR C 180 32.14 -25.03 4.16
C TYR C 180 32.34 -23.54 4.32
N LYS C 181 31.68 -22.94 5.29
CA LYS C 181 31.76 -21.50 5.51
C LYS C 181 31.35 -20.81 4.23
N ASN C 182 32.12 -19.80 3.81
CA ASN C 182 31.78 -19.06 2.60
C ASN C 182 32.17 -19.78 1.31
N LYS C 183 32.63 -21.02 1.41
CA LYS C 183 33.04 -21.79 0.24
C LYS C 183 31.89 -22.52 -0.43
N ARG C 184 30.96 -21.74 -0.97
CA ARG C 184 29.78 -22.26 -1.64
C ARG C 184 30.13 -23.16 -2.83
N GLY C 185 31.20 -22.81 -3.54
CA GLY C 185 31.62 -23.60 -4.69
C GLY C 185 32.08 -25.00 -4.32
N ASP C 186 32.71 -25.11 -3.15
CA ASP C 186 33.19 -26.39 -2.66
C ASP C 186 32.00 -27.27 -2.29
N TYR C 187 30.96 -26.64 -1.76
CA TYR C 187 29.75 -27.35 -1.38
C TYR C 187 29.05 -27.91 -2.61
N LEU C 188 28.96 -27.09 -3.66
CA LEU C 188 28.31 -27.51 -4.88
C LEU C 188 29.02 -28.70 -5.51
N ASN C 189 30.35 -28.71 -5.45
CA ASN C 189 31.12 -29.82 -6.02
C ASN C 189 30.88 -31.10 -5.22
N ALA C 190 30.70 -30.96 -3.91
CA ALA C 190 30.45 -32.10 -3.04
C ALA C 190 29.04 -32.66 -3.25
N TRP C 191 28.08 -31.75 -3.42
CA TRP C 191 26.68 -32.12 -3.62
C TRP C 191 26.45 -33.12 -4.75
N TRP C 192 27.21 -33.02 -5.83
CA TRP C 192 27.05 -33.93 -6.96
C TRP C 192 27.20 -35.38 -6.55
N ASN C 193 27.91 -35.62 -5.45
CA ASN C 193 28.15 -36.97 -4.97
C ASN C 193 26.98 -37.61 -4.23
N VAL C 194 25.97 -36.83 -3.88
CA VAL C 194 24.82 -37.39 -3.18
C VAL C 194 23.50 -37.20 -3.93
N VAL C 195 23.59 -36.74 -5.18
CA VAL C 195 22.39 -36.53 -5.98
C VAL C 195 21.68 -37.85 -6.24
N ASN C 196 20.37 -37.88 -6.01
CA ASN C 196 19.58 -39.10 -6.21
C ASN C 196 19.00 -39.11 -7.62
N TRP C 197 19.77 -39.65 -8.56
CA TRP C 197 19.31 -39.69 -9.95
C TRP C 197 18.07 -40.55 -10.16
N ASP C 198 17.83 -41.50 -9.25
CA ASP C 198 16.64 -42.35 -9.36
C ASP C 198 15.41 -41.50 -9.10
N ASP C 199 15.50 -40.66 -8.07
CA ASP C 199 14.42 -39.77 -7.72
C ASP C 199 14.15 -38.80 -8.88
N ALA C 200 15.22 -38.26 -9.45
CA ALA C 200 15.11 -37.32 -10.56
C ALA C 200 14.41 -37.94 -11.77
N GLU C 201 14.81 -39.17 -12.12
CA GLU C 201 14.22 -39.87 -13.26
C GLU C 201 12.74 -40.16 -13.01
N LYS C 202 12.42 -40.49 -11.76
CA LYS C 202 11.04 -40.78 -11.37
C LYS C 202 10.16 -39.55 -11.56
N ARG C 203 10.69 -38.38 -11.22
CA ARG C 203 9.94 -37.13 -11.34
C ARG C 203 9.68 -36.83 -12.81
N LEU C 204 10.69 -37.06 -13.65
CA LEU C 204 10.54 -36.80 -15.07
C LEU C 204 9.50 -37.74 -15.70
N GLN C 205 9.60 -39.03 -15.38
CA GLN C 205 8.68 -40.03 -15.91
C GLN C 205 7.23 -39.66 -15.67
N LYS C 206 6.99 -38.95 -14.57
CA LYS C 206 5.66 -38.52 -14.19
C LYS C 206 5.02 -37.55 -15.16
N TYR C 207 5.81 -36.83 -15.94
CA TYR C 207 5.26 -35.86 -16.88
C TYR C 207 5.57 -36.13 -18.34
N LEU C 208 6.31 -37.19 -18.63
CA LEU C 208 6.66 -37.52 -20.00
C LEU C 208 5.43 -38.03 -20.76
N ASN C 209 5.18 -37.42 -21.91
CA ASN C 209 4.05 -37.79 -22.76
C ASN C 209 2.73 -37.71 -21.99
N LYS C 210 2.59 -36.68 -21.17
CA LYS C 210 1.39 -36.46 -20.39
C LYS C 210 1.10 -34.96 -20.26
N VAL D 3 40.85 9.58 -20.35
CA VAL D 3 39.89 9.31 -21.45
C VAL D 3 39.02 8.10 -21.11
N ILE D 4 37.73 8.36 -20.90
CA ILE D 4 36.77 7.31 -20.55
C ILE D 4 37.34 6.39 -19.48
N GLN D 5 36.98 6.67 -18.23
CA GLN D 5 37.46 5.87 -17.12
C GLN D 5 36.59 6.02 -15.89
N LEU D 6 36.26 4.88 -15.28
CA LEU D 6 35.44 4.85 -14.07
C LEU D 6 36.38 4.51 -12.93
N LYS D 7 36.05 5.01 -11.73
CA LYS D 7 36.88 4.74 -10.56
C LYS D 7 36.42 3.42 -9.94
N ARG D 8 37.35 2.73 -9.27
CA ARG D 8 37.05 1.46 -8.62
C ARG D 8 36.91 1.66 -7.12
N TYR D 9 36.36 0.66 -6.44
CA TYR D 9 36.16 0.74 -5.00
C TYR D 9 37.37 0.18 -4.25
N GLU D 10 37.59 0.70 -3.05
CA GLU D 10 38.70 0.23 -2.21
C GLU D 10 38.15 -0.51 -1.01
N PHE D 11 38.84 -1.58 -0.63
CA PHE D 11 38.45 -2.39 0.51
C PHE D 11 38.88 -1.64 1.77
N PRO D 12 37.91 -1.26 2.62
CA PRO D 12 38.20 -0.54 3.85
C PRO D 12 38.84 -1.38 4.94
N GLN D 13 39.36 -0.70 5.95
CA GLN D 13 40.00 -1.38 7.08
C GLN D 13 38.98 -1.57 8.20
N LEU D 14 39.13 -2.66 8.94
CA LEU D 14 38.22 -2.91 10.05
C LEU D 14 38.60 -1.91 11.15
N PRO D 15 37.62 -1.27 11.78
CA PRO D 15 37.89 -0.29 12.83
C PRO D 15 38.40 -0.84 14.16
N TYR D 16 38.48 -2.17 14.27
CA TYR D 16 38.96 -2.81 15.50
C TYR D 16 39.50 -4.19 15.16
N LYS D 17 39.93 -4.93 16.17
CA LYS D 17 40.45 -6.28 15.98
C LYS D 17 39.28 -7.21 15.75
N VAL D 18 39.52 -8.31 15.03
CA VAL D 18 38.46 -9.26 14.72
C VAL D 18 37.80 -9.90 15.94
N ASP D 19 38.43 -9.80 17.09
CA ASP D 19 37.86 -10.39 18.30
C ASP D 19 37.36 -9.33 19.26
N ALA D 20 37.29 -8.09 18.77
CA ALA D 20 36.85 -6.97 19.60
C ALA D 20 35.37 -7.01 19.99
N LEU D 21 34.55 -7.75 19.24
CA LEU D 21 33.11 -7.82 19.52
C LEU D 21 32.69 -9.03 20.35
N GLU D 22 33.66 -9.83 20.80
CA GLU D 22 33.34 -10.99 21.62
C GLU D 22 32.86 -10.53 22.99
N PRO D 23 32.01 -11.34 23.67
CA PRO D 23 31.46 -12.64 23.26
C PRO D 23 30.20 -12.58 22.40
N TYR D 24 29.75 -11.37 22.09
CA TYR D 24 28.53 -11.20 21.31
C TYR D 24 28.62 -11.72 19.88
N ILE D 25 29.75 -11.49 19.23
CA ILE D 25 29.97 -11.98 17.88
C ILE D 25 31.42 -12.49 17.87
N SER D 26 31.56 -13.81 17.73
CA SER D 26 32.88 -14.44 17.73
C SER D 26 33.81 -13.96 16.63
N LYS D 27 35.10 -14.02 16.90
CA LYS D 27 36.11 -13.59 15.93
C LYS D 27 36.08 -14.49 14.69
N ASP D 28 35.59 -15.71 14.85
CA ASP D 28 35.52 -16.65 13.74
C ASP D 28 34.57 -16.10 12.68
N ILE D 29 33.51 -15.43 13.13
CA ILE D 29 32.55 -14.87 12.21
C ILE D 29 33.11 -13.58 11.60
N ILE D 30 33.62 -12.68 12.44
CA ILE D 30 34.17 -11.41 11.97
C ILE D 30 35.25 -11.61 10.92
N ASP D 31 36.16 -12.55 11.18
CA ASP D 31 37.24 -12.81 10.25
C ASP D 31 36.78 -13.14 8.83
N VAL D 32 35.92 -14.15 8.69
CA VAL D 32 35.43 -14.55 7.37
C VAL D 32 34.39 -13.56 6.81
N HIS D 33 33.65 -12.91 7.71
CA HIS D 33 32.64 -11.93 7.32
C HIS D 33 33.33 -10.74 6.65
N TYR D 34 34.46 -10.33 7.21
CA TYR D 34 35.21 -9.19 6.69
C TYR D 34 36.18 -9.58 5.57
N ASN D 35 37.06 -10.53 5.85
CA ASN D 35 38.05 -10.96 4.88
C ASN D 35 37.48 -11.81 3.76
N GLY D 36 36.33 -12.43 4.01
CA GLY D 36 35.71 -13.25 3.00
C GLY D 36 34.60 -12.58 2.23
N HIS D 37 33.46 -12.36 2.89
CA HIS D 37 32.31 -11.75 2.24
C HIS D 37 32.49 -10.31 1.76
N HIS D 38 32.83 -9.39 2.68
CA HIS D 38 33.01 -7.99 2.30
C HIS D 38 34.03 -7.80 1.19
N LYS D 39 35.21 -8.40 1.35
CA LYS D 39 36.24 -8.29 0.32
C LYS D 39 35.71 -8.80 -1.03
N GLY D 40 34.90 -9.85 -0.98
CA GLY D 40 34.34 -10.41 -2.19
C GLY D 40 33.42 -9.45 -2.93
N TYR D 41 32.67 -8.64 -2.19
CA TYR D 41 31.76 -7.68 -2.80
C TYR D 41 32.55 -6.57 -3.49
N VAL D 42 33.67 -6.19 -2.91
CA VAL D 42 34.52 -5.14 -3.49
C VAL D 42 35.11 -5.67 -4.79
N ASN D 43 35.61 -6.90 -4.77
CA ASN D 43 36.20 -7.49 -5.97
C ASN D 43 35.13 -7.71 -7.03
N GLY D 44 33.96 -8.18 -6.62
CA GLY D 44 32.88 -8.42 -7.56
C GLY D 44 32.43 -7.13 -8.25
N ALA D 45 32.33 -6.06 -7.48
CA ALA D 45 31.90 -4.77 -8.03
C ALA D 45 32.93 -4.23 -9.03
N ASN D 46 34.20 -4.34 -8.68
CA ASN D 46 35.28 -3.85 -9.54
C ASN D 46 35.41 -4.64 -10.83
N SER D 47 35.19 -5.94 -10.76
CA SER D 47 35.29 -6.77 -11.95
C SER D 47 34.13 -6.46 -12.90
N LEU D 48 33.01 -6.01 -12.34
CA LEU D 48 31.86 -5.68 -13.17
C LEU D 48 32.02 -4.28 -13.74
N LEU D 49 32.73 -3.42 -13.02
CA LEU D 49 32.97 -2.05 -13.48
C LEU D 49 33.92 -2.12 -14.68
N ASP D 50 34.82 -3.10 -14.67
CA ASP D 50 35.76 -3.26 -15.78
C ASP D 50 34.98 -3.56 -17.05
N ARG D 51 34.00 -4.45 -16.95
CA ARG D 51 33.16 -4.81 -18.08
C ARG D 51 32.33 -3.63 -18.58
N LEU D 52 31.73 -2.90 -17.65
CA LEU D 52 30.91 -1.74 -18.01
C LEU D 52 31.79 -0.68 -18.69
N GLU D 53 33.00 -0.52 -18.16
CA GLU D 53 33.94 0.44 -18.72
C GLU D 53 34.26 0.08 -20.16
N LYS D 54 34.54 -1.20 -20.41
CA LYS D 54 34.85 -1.67 -21.74
C LYS D 54 33.67 -1.46 -22.67
N LEU D 55 32.48 -1.74 -22.15
CA LEU D 55 31.25 -1.58 -22.91
C LEU D 55 31.08 -0.13 -23.35
N ILE D 56 31.30 0.79 -22.42
CA ILE D 56 31.17 2.20 -22.74
C ILE D 56 32.19 2.66 -23.78
N LYS D 57 33.41 2.14 -23.71
CA LYS D 57 34.47 2.51 -24.65
C LYS D 57 34.24 1.89 -26.01
N GLY D 58 33.62 0.72 -26.05
CA GLY D 58 33.38 0.06 -27.32
C GLY D 58 34.24 -1.19 -27.50
N ASP D 59 35.07 -1.48 -26.51
CA ASP D 59 35.95 -2.64 -26.55
C ASP D 59 35.13 -3.93 -26.40
N LEU D 60 33.98 -3.81 -25.75
CA LEU D 60 33.05 -4.92 -25.54
C LEU D 60 31.87 -4.62 -26.45
N PRO D 61 31.84 -5.22 -27.65
CA PRO D 61 30.76 -4.98 -28.60
C PRO D 61 29.44 -5.66 -28.28
N GLN D 62 28.35 -5.11 -28.82
CA GLN D 62 27.03 -5.66 -28.61
C GLN D 62 27.06 -7.13 -29.03
N GLY D 63 26.43 -7.98 -28.22
CA GLY D 63 26.41 -9.40 -28.50
C GLY D 63 27.43 -10.13 -27.66
N GLN D 64 28.26 -9.38 -26.94
CA GLN D 64 29.27 -9.98 -26.10
C GLN D 64 29.02 -9.67 -24.62
N TYR D 65 27.79 -9.30 -24.30
CA TYR D 65 27.41 -9.00 -22.93
C TYR D 65 25.89 -8.98 -22.82
N ASP D 66 25.40 -9.08 -21.60
CA ASP D 66 23.97 -9.04 -21.31
C ASP D 66 23.83 -7.99 -20.21
N LEU D 67 23.54 -6.77 -20.64
CA LEU D 67 23.42 -5.60 -19.76
C LEU D 67 22.76 -5.80 -18.40
N GLN D 68 21.60 -6.43 -18.38
CA GLN D 68 20.90 -6.66 -17.13
C GLN D 68 21.77 -7.46 -16.16
N GLY D 69 22.61 -8.33 -16.70
CA GLY D 69 23.49 -9.13 -15.87
C GLY D 69 24.53 -8.26 -15.20
N ILE D 70 25.00 -7.24 -15.91
CA ILE D 70 26.01 -6.31 -15.40
C ILE D 70 25.40 -5.32 -14.39
N LEU D 71 24.28 -4.71 -14.77
CA LEU D 71 23.60 -3.75 -13.90
C LEU D 71 23.11 -4.36 -12.60
N ARG D 72 22.41 -5.49 -12.67
CA ARG D 72 21.91 -6.14 -11.45
C ARG D 72 23.06 -6.68 -10.61
N GLY D 73 24.14 -7.08 -11.26
CA GLY D 73 25.30 -7.56 -10.53
C GLY D 73 25.94 -6.42 -9.75
N LEU D 74 25.82 -5.20 -10.27
CA LEU D 74 26.36 -4.02 -9.61
C LEU D 74 25.59 -3.60 -8.36
N THR D 75 24.26 -3.65 -8.39
CA THR D 75 23.48 -3.26 -7.20
C THR D 75 23.78 -4.22 -6.08
N PHE D 76 23.89 -5.49 -6.44
CA PHE D 76 24.17 -6.54 -5.48
C PHE D 76 25.52 -6.32 -4.81
N ASN D 77 26.57 -6.17 -5.61
CA ASN D 77 27.91 -6.00 -5.07
C ASN D 77 28.21 -4.64 -4.47
N ILE D 78 27.77 -3.57 -5.13
CA ILE D 78 28.03 -2.23 -4.59
C ILE D 78 27.29 -2.02 -3.27
N ASN D 79 26.06 -2.50 -3.17
CA ASN D 79 25.28 -2.38 -1.94
C ASN D 79 25.90 -3.28 -0.89
N GLY D 80 26.39 -4.45 -1.31
CA GLY D 80 27.01 -5.38 -0.38
C GLY D 80 28.21 -4.74 0.30
N HIS D 81 28.98 -4.00 -0.49
CA HIS D 81 30.17 -3.31 0.00
C HIS D 81 29.80 -2.14 0.92
N LYS D 82 28.99 -1.22 0.41
CA LYS D 82 28.57 -0.05 1.16
C LYS D 82 27.85 -0.34 2.48
N LEU D 83 26.97 -1.34 2.49
CA LEU D 83 26.24 -1.66 3.70
C LEU D 83 27.15 -2.29 4.75
N HIS D 84 28.11 -3.09 4.32
CA HIS D 84 29.05 -3.70 5.26
C HIS D 84 29.98 -2.65 5.85
N ALA D 85 30.30 -1.64 5.05
CA ALA D 85 31.17 -0.56 5.49
C ALA D 85 30.51 0.22 6.62
N ILE D 86 29.20 0.42 6.53
CA ILE D 86 28.46 1.15 7.58
C ILE D 86 28.33 0.25 8.81
N TYR D 87 28.05 -1.03 8.56
CA TYR D 87 27.89 -2.04 9.59
C TYR D 87 29.09 -2.12 10.56
N TRP D 88 30.29 -2.21 10.01
CA TRP D 88 31.49 -2.29 10.85
C TRP D 88 31.64 -1.06 11.76
N ASN D 89 31.40 0.12 11.20
CA ASN D 89 31.51 1.36 11.94
C ASN D 89 30.33 1.59 12.90
N ASN D 90 29.21 0.93 12.61
CA ASN D 90 28.01 1.06 13.41
C ASN D 90 28.06 0.18 14.66
N MET D 91 29.18 -0.49 14.87
CA MET D 91 29.36 -1.35 16.04
C MET D 91 30.65 -0.93 16.76
N ALA D 92 30.77 -1.27 18.04
CA ALA D 92 31.94 -0.92 18.81
C ALA D 92 32.20 -1.95 19.90
N PRO D 93 33.47 -2.16 20.27
CA PRO D 93 33.80 -3.13 21.31
C PRO D 93 32.90 -3.03 22.53
N ALA D 94 32.63 -4.18 23.14
CA ALA D 94 31.77 -4.30 24.32
C ALA D 94 31.63 -3.02 25.15
N GLY D 95 32.75 -2.53 25.67
CA GLY D 95 32.71 -1.33 26.49
C GLY D 95 32.25 -0.06 25.79
N LYS D 96 32.90 0.28 24.67
CA LYS D 96 32.58 1.48 23.90
C LYS D 96 31.19 1.44 23.27
N GLY D 97 30.78 0.25 22.82
CA GLY D 97 29.48 0.11 22.18
C GLY D 97 28.41 -0.30 23.17
N GLY D 98 27.16 -0.30 22.71
CA GLY D 98 26.06 -0.67 23.57
C GLY D 98 25.49 0.52 24.33
N GLY D 99 24.61 0.25 25.27
CA GLY D 99 24.02 1.33 26.05
C GLY D 99 22.81 1.94 25.39
N LYS D 100 22.60 3.22 25.67
CA LYS D 100 21.46 3.95 25.16
C LYS D 100 21.96 5.13 24.31
N PRO D 101 21.18 5.54 23.29
CA PRO D 101 21.64 6.67 22.48
C PRO D 101 21.52 7.99 23.23
N GLY D 102 22.13 9.03 22.68
CA GLY D 102 22.08 10.34 23.29
C GLY D 102 21.92 11.40 22.22
N GLY D 103 22.10 12.66 22.61
CA GLY D 103 22.00 13.75 21.65
C GLY D 103 20.68 13.85 20.92
N ALA D 104 20.72 14.39 19.70
CA ALA D 104 19.52 14.55 18.89
C ALA D 104 18.84 13.23 18.57
N LEU D 105 19.62 12.16 18.44
CA LEU D 105 19.06 10.84 18.13
C LEU D 105 18.12 10.39 19.24
N ALA D 106 18.61 10.45 20.48
CA ALA D 106 17.83 10.05 21.64
C ALA D 106 16.55 10.88 21.73
N ASP D 107 16.65 12.13 21.34
CA ASP D 107 15.52 13.05 21.38
C ASP D 107 14.44 12.69 20.35
N LEU D 108 14.87 12.36 19.13
CA LEU D 108 13.93 12.00 18.07
C LEU D 108 13.25 10.67 18.37
N ILE D 109 14.01 9.73 18.92
CA ILE D 109 13.48 8.42 19.26
C ILE D 109 12.39 8.55 20.33
N ASP D 110 12.60 9.47 21.28
CA ASP D 110 11.62 9.68 22.35
C ASP D 110 10.32 10.27 21.79
N LYS D 111 10.46 11.24 20.91
CA LYS D 111 9.30 11.90 20.31
C LYS D 111 8.50 11.01 19.36
N GLN D 112 9.19 10.12 18.66
CA GLN D 112 8.53 9.25 17.69
C GLN D 112 8.16 7.85 18.19
N TYR D 113 8.86 7.37 19.21
CA TYR D 113 8.58 6.04 19.74
C TYR D 113 8.21 6.06 21.22
N GLY D 114 8.25 7.23 21.83
CA GLY D 114 7.90 7.33 23.24
C GLY D 114 9.09 7.13 24.15
N SER D 115 9.91 6.15 23.85
CA SER D 115 11.09 5.86 24.65
C SER D 115 12.03 4.92 23.92
N PHE D 116 13.25 4.78 24.43
CA PHE D 116 14.23 3.91 23.81
C PHE D 116 13.78 2.45 23.92
N ASP D 117 13.08 2.11 25.00
CA ASP D 117 12.60 0.74 25.21
C ASP D 117 11.59 0.31 24.16
N ARG D 118 10.67 1.21 23.82
CA ARG D 118 9.66 0.91 22.81
C ARG D 118 10.34 0.78 21.46
N PHE D 119 11.21 1.74 21.15
CA PHE D 119 11.94 1.73 19.89
C PHE D 119 12.65 0.40 19.72
N LYS D 120 13.33 -0.03 20.78
CA LYS D 120 14.06 -1.29 20.79
C LYS D 120 13.12 -2.43 20.48
N GLN D 121 11.92 -2.39 21.07
CA GLN D 121 10.92 -3.44 20.87
C GLN D 121 10.41 -3.46 19.43
N VAL D 122 10.11 -2.30 18.89
CA VAL D 122 9.59 -2.19 17.53
C VAL D 122 10.66 -2.54 16.50
N PHE D 123 11.88 -2.08 16.73
CA PHE D 123 12.98 -2.36 15.81
C PHE D 123 13.26 -3.88 15.78
N SER D 124 13.24 -4.50 16.95
CA SER D 124 13.47 -5.93 17.05
C SER D 124 12.36 -6.73 16.36
N GLU D 125 11.12 -6.31 16.56
CA GLU D 125 9.98 -7.00 15.95
C GLU D 125 10.10 -6.92 14.44
N SER D 126 10.53 -5.78 13.94
CA SER D 126 10.68 -5.57 12.50
C SER D 126 11.81 -6.45 11.96
N ALA D 127 12.92 -6.49 12.69
CA ALA D 127 14.07 -7.28 12.28
C ALA D 127 13.75 -8.78 12.25
N ASN D 128 12.91 -9.23 13.18
CA ASN D 128 12.53 -10.63 13.26
C ASN D 128 11.51 -11.01 12.18
N SER D 129 10.86 -10.01 11.59
CA SER D 129 9.87 -10.27 10.57
C SER D 129 10.45 -10.41 9.18
N LEU D 130 11.73 -10.07 9.03
CA LEU D 130 12.39 -10.16 7.72
C LEU D 130 12.37 -11.60 7.19
N PRO D 131 11.80 -11.80 5.99
CA PRO D 131 11.72 -13.13 5.38
C PRO D 131 13.00 -13.51 4.65
N GLY D 132 13.88 -14.25 5.33
CA GLY D 132 15.12 -14.66 4.69
C GLY D 132 16.28 -13.74 4.99
N SER D 133 17.26 -13.72 4.08
CA SER D 133 18.46 -12.91 4.22
C SER D 133 18.28 -11.44 3.85
N GLY D 134 18.94 -10.57 4.60
CA GLY D 134 18.83 -9.14 4.35
C GLY D 134 19.32 -8.33 5.53
N TRP D 135 18.78 -7.12 5.66
CA TRP D 135 19.16 -6.23 6.74
C TRP D 135 17.95 -5.46 7.24
N THR D 136 18.07 -4.91 8.44
CA THR D 136 17.02 -4.08 9.00
C THR D 136 17.75 -2.74 9.19
N VAL D 137 17.16 -1.69 8.66
CA VAL D 137 17.78 -0.38 8.73
C VAL D 137 16.89 0.70 9.32
N LEU D 138 17.51 1.77 9.78
CA LEU D 138 16.80 2.91 10.32
C LEU D 138 17.31 4.08 9.49
N TYR D 139 16.43 4.66 8.70
CA TYR D 139 16.79 5.80 7.86
C TYR D 139 16.33 7.07 8.55
N TYR D 140 16.84 8.20 8.09
CA TYR D 140 16.41 9.48 8.59
C TYR D 140 15.83 10.16 7.36
N ASP D 141 14.53 10.45 7.39
CA ASP D 141 13.89 11.09 6.27
C ASP D 141 13.90 12.60 6.50
N ASN D 142 14.73 13.29 5.73
CA ASN D 142 14.86 14.74 5.83
C ASN D 142 13.58 15.46 5.42
N GLU D 143 12.77 14.82 4.58
CA GLU D 143 11.53 15.44 4.13
C GLU D 143 10.48 15.52 5.23
N SER D 144 10.21 14.38 5.86
CA SER D 144 9.21 14.31 6.92
C SER D 144 9.82 14.49 8.31
N GLY D 145 11.10 14.14 8.44
CA GLY D 145 11.77 14.26 9.72
C GLY D 145 11.64 12.97 10.51
N ASN D 146 11.04 11.96 9.89
CA ASN D 146 10.82 10.67 10.53
C ASN D 146 12.05 9.76 10.49
N LEU D 147 12.19 8.94 11.53
CA LEU D 147 13.27 7.96 11.58
C LEU D 147 12.51 6.71 11.12
N GLN D 148 12.64 6.38 9.84
CA GLN D 148 11.92 5.23 9.28
C GLN D 148 12.64 3.89 9.33
N ILE D 149 11.96 2.90 9.90
CA ILE D 149 12.50 1.55 9.98
C ILE D 149 12.15 0.85 8.69
N MET D 150 13.01 -0.06 8.24
CA MET D 150 12.76 -0.81 7.02
C MET D 150 13.54 -2.11 6.97
N THR D 151 12.91 -3.15 6.46
CA THR D 151 13.58 -4.44 6.30
C THR D 151 14.03 -4.49 4.85
N VAL D 152 15.31 -4.70 4.63
CA VAL D 152 15.87 -4.76 3.28
C VAL D 152 16.12 -6.23 2.91
N GLU D 153 15.62 -6.64 1.75
CA GLU D 153 15.80 -8.01 1.29
C GLU D 153 17.05 -8.07 0.43
N ASN D 154 17.89 -9.07 0.70
CA ASN D 154 19.17 -9.21 0.02
C ASN D 154 19.89 -7.90 0.34
N HIS D 155 20.72 -7.40 -0.57
CA HIS D 155 21.42 -6.14 -0.30
C HIS D 155 20.75 -4.95 -0.99
N PHE D 156 19.90 -5.24 -1.97
CA PHE D 156 19.32 -4.18 -2.79
C PHE D 156 17.82 -4.00 -2.91
N MET D 157 17.02 -4.73 -2.15
CA MET D 157 15.57 -4.56 -2.27
C MET D 157 14.96 -3.87 -1.05
N ASN D 158 14.09 -2.89 -1.32
CA ASN D 158 13.34 -2.14 -0.30
C ASN D 158 14.00 -0.88 0.25
N HIS D 159 15.12 -0.45 -0.31
CA HIS D 159 15.76 0.76 0.18
C HIS D 159 14.85 1.93 -0.20
N ILE D 160 14.90 3.00 0.59
CA ILE D 160 14.14 4.19 0.28
C ILE D 160 15.19 5.12 -0.34
N ALA D 161 14.99 5.47 -1.60
CA ALA D 161 15.92 6.31 -2.36
C ALA D 161 16.47 7.54 -1.65
N GLU D 162 17.79 7.69 -1.73
CA GLU D 162 18.54 8.83 -1.16
C GLU D 162 18.63 8.99 0.36
N LEU D 163 17.85 8.25 1.13
CA LEU D 163 17.89 8.42 2.58
C LEU D 163 19.13 7.80 3.21
N PRO D 164 19.75 8.51 4.16
CA PRO D 164 20.95 8.05 4.87
C PRO D 164 20.62 7.01 5.93
N VAL D 165 21.54 6.06 6.09
CA VAL D 165 21.40 4.99 7.07
C VAL D 165 21.94 5.48 8.40
N ILE D 166 21.13 5.34 9.45
CA ILE D 166 21.53 5.77 10.79
C ILE D 166 21.95 4.59 11.66
N LEU D 167 21.19 3.51 11.55
CA LEU D 167 21.45 2.29 12.30
C LEU D 167 21.19 1.09 11.39
N ILE D 168 22.00 0.03 11.53
CA ILE D 168 21.82 -1.12 10.67
C ILE D 168 22.30 -2.44 11.26
N VAL D 169 21.55 -3.51 10.96
CA VAL D 169 21.90 -4.86 11.41
C VAL D 169 21.93 -5.79 10.22
N ASP D 170 23.00 -6.57 10.09
CA ASP D 170 23.14 -7.52 9.00
C ASP D 170 22.38 -8.78 9.42
N GLU D 171 21.48 -9.25 8.55
CA GLU D 171 20.73 -10.44 8.90
C GLU D 171 20.91 -11.58 7.92
N PHE D 172 22.00 -11.54 7.17
CA PHE D 172 22.33 -12.63 6.26
C PHE D 172 22.75 -13.71 7.24
N GLU D 173 22.50 -14.98 6.92
CA GLU D 173 22.86 -16.05 7.82
C GLU D 173 24.35 -16.09 8.18
N HIS D 174 25.21 -15.69 7.25
CA HIS D 174 26.66 -15.70 7.52
C HIS D 174 27.06 -14.75 8.64
N ALA D 175 26.16 -13.85 9.03
CA ALA D 175 26.46 -12.88 10.08
C ALA D 175 26.36 -13.47 11.48
N TYR D 176 25.73 -14.63 11.62
CA TYR D 176 25.55 -15.23 12.95
C TYR D 176 25.52 -16.75 13.03
N TYR D 177 25.40 -17.42 11.89
CA TYR D 177 25.29 -18.88 11.89
C TYR D 177 26.33 -19.70 12.63
N LEU D 178 27.60 -19.38 12.46
CA LEU D 178 28.65 -20.15 13.13
C LEU D 178 28.49 -20.16 14.65
N GLN D 179 27.95 -19.08 15.20
CA GLN D 179 27.77 -18.99 16.65
C GLN D 179 26.34 -19.24 17.15
N TYR D 180 25.36 -18.70 16.44
CA TYR D 180 23.97 -18.85 16.86
C TYR D 180 23.13 -19.83 16.04
N LYS D 181 23.70 -20.36 14.97
CA LYS D 181 22.98 -21.29 14.11
C LYS D 181 21.70 -20.61 13.63
N ASN D 182 20.58 -21.32 13.67
CA ASN D 182 19.34 -20.74 13.21
C ASN D 182 18.65 -19.82 14.22
N LYS D 183 19.33 -19.53 15.33
CA LYS D 183 18.76 -18.66 16.36
C LYS D 183 19.01 -17.19 16.09
N ARG D 184 18.40 -16.68 15.02
CA ARG D 184 18.55 -15.29 14.61
C ARG D 184 18.11 -14.32 15.71
N GLY D 185 17.06 -14.66 16.43
CA GLY D 185 16.56 -13.80 17.49
C GLY D 185 17.56 -13.60 18.62
N ASP D 186 18.36 -14.65 18.89
CA ASP D 186 19.37 -14.59 19.92
C ASP D 186 20.49 -13.66 19.49
N TYR D 187 20.79 -13.68 18.20
CA TYR D 187 21.83 -12.83 17.64
C TYR D 187 21.40 -11.37 17.74
N LEU D 188 20.14 -11.11 17.40
CA LEU D 188 19.59 -9.76 17.44
C LEU D 188 19.65 -9.17 18.85
N ASN D 189 19.39 -10.01 19.86
CA ASN D 189 19.43 -9.56 21.25
C ASN D 189 20.86 -9.23 21.65
N ALA D 190 21.80 -10.04 21.17
CA ALA D 190 23.21 -9.85 21.48
C ALA D 190 23.76 -8.60 20.81
N TRP D 191 23.35 -8.37 19.56
CA TRP D 191 23.80 -7.23 18.78
C TRP D 191 23.62 -5.88 19.47
N TRP D 192 22.51 -5.71 20.20
CA TRP D 192 22.24 -4.45 20.90
C TRP D 192 23.38 -4.04 21.84
N ASN D 193 24.15 -5.02 22.30
CA ASN D 193 25.25 -4.76 23.22
C ASN D 193 26.51 -4.19 22.57
N VAL D 194 26.59 -4.23 21.24
CA VAL D 194 27.77 -3.70 20.55
C VAL D 194 27.44 -2.56 19.60
N VAL D 195 26.21 -2.06 19.67
CA VAL D 195 25.81 -0.96 18.81
C VAL D 195 26.61 0.30 19.16
N ASN D 196 27.11 0.97 18.13
CA ASN D 196 27.90 2.18 18.32
C ASN D 196 27.02 3.41 18.17
N TRP D 197 26.39 3.83 19.26
CA TRP D 197 25.51 4.98 19.23
C TRP D 197 26.19 6.29 18.87
N ASP D 198 27.50 6.38 19.13
CA ASP D 198 28.25 7.59 18.80
C ASP D 198 28.28 7.73 17.29
N ASP D 199 28.53 6.61 16.61
CA ASP D 199 28.58 6.59 15.15
C ASP D 199 27.20 6.97 14.60
N ALA D 200 26.16 6.38 15.19
CA ALA D 200 24.78 6.64 14.79
C ALA D 200 24.40 8.12 14.93
N GLU D 201 24.77 8.73 16.04
CA GLU D 201 24.46 10.15 16.28
C GLU D 201 25.23 11.04 15.32
N LYS D 202 26.46 10.64 14.97
CA LYS D 202 27.29 11.40 14.05
C LYS D 202 26.66 11.41 12.66
N ARG D 203 26.11 10.27 12.25
CA ARG D 203 25.47 10.16 10.94
C ARG D 203 24.25 11.06 10.88
N LEU D 204 23.47 11.09 11.97
CA LEU D 204 22.28 11.94 12.03
C LEU D 204 22.64 13.42 11.95
N GLN D 205 23.63 13.82 12.75
CA GLN D 205 24.11 15.21 12.79
C GLN D 205 24.42 15.73 11.41
N LYS D 206 24.91 14.84 10.55
CA LYS D 206 25.28 15.17 9.18
C LYS D 206 24.11 15.69 8.34
N TYR D 207 22.90 15.28 8.67
CA TYR D 207 21.74 15.70 7.87
C TYR D 207 20.71 16.56 8.58
N LEU D 208 20.94 16.83 9.87
CA LEU D 208 20.01 17.64 10.63
C LEU D 208 20.07 19.09 10.19
N ASN D 209 18.90 19.65 9.85
CA ASN D 209 18.80 21.04 9.42
C ASN D 209 19.66 21.33 8.18
N LYS D 210 19.72 20.36 7.27
CA LYS D 210 20.51 20.50 6.05
C LYS D 210 19.77 19.87 4.86
N VAL E 3 22.03 -32.76 -32.53
CA VAL E 3 23.24 -32.50 -31.68
C VAL E 3 23.12 -31.16 -30.97
N ILE E 4 23.00 -31.21 -29.65
CA ILE E 4 22.86 -30.01 -28.84
C ILE E 4 21.86 -29.05 -29.47
N GLN E 5 20.63 -29.10 -28.98
CA GLN E 5 19.58 -28.24 -29.50
C GLN E 5 18.42 -28.10 -28.53
N LEU E 6 17.97 -26.87 -28.34
CA LEU E 6 16.85 -26.58 -27.46
C LEU E 6 15.67 -26.20 -28.33
N LYS E 7 14.46 -26.53 -27.90
CA LYS E 7 13.28 -26.19 -28.67
C LYS E 7 12.86 -24.76 -28.37
N ARG E 8 12.19 -24.12 -29.32
CA ARG E 8 11.73 -22.75 -29.14
C ARG E 8 10.24 -22.72 -28.89
N TYR E 9 9.73 -21.58 -28.43
CA TYR E 9 8.31 -21.42 -28.15
C TYR E 9 7.55 -20.92 -29.36
N GLU E 10 6.29 -21.30 -29.48
CA GLU E 10 5.44 -20.88 -30.59
C GLU E 10 4.38 -19.92 -30.08
N PHE E 11 4.06 -18.91 -30.89
CA PHE E 11 3.06 -17.92 -30.54
C PHE E 11 1.68 -18.55 -30.77
N PRO E 12 0.89 -18.70 -29.69
CA PRO E 12 -0.45 -19.29 -29.79
C PRO E 12 -1.47 -18.39 -30.47
N GLN E 13 -2.60 -18.99 -30.85
CA GLN E 13 -3.67 -18.25 -31.50
C GLN E 13 -4.66 -17.79 -30.43
N LEU E 14 -5.27 -16.63 -30.66
CA LEU E 14 -6.26 -16.12 -29.72
C LEU E 14 -7.49 -17.02 -29.90
N PRO E 15 -8.15 -17.41 -28.79
CA PRO E 15 -9.33 -18.28 -28.87
C PRO E 15 -10.61 -17.62 -29.38
N TYR E 16 -10.55 -16.32 -29.65
CA TYR E 16 -11.73 -15.59 -30.13
C TYR E 16 -11.28 -14.34 -30.86
N LYS E 17 -12.23 -13.54 -31.33
CA LYS E 17 -11.93 -12.31 -32.04
C LYS E 17 -11.47 -11.27 -31.02
N VAL E 18 -10.63 -10.33 -31.45
CA VAL E 18 -10.12 -9.30 -30.56
C VAL E 18 -11.18 -8.41 -29.92
N ASP E 19 -12.39 -8.42 -30.47
CA ASP E 19 -13.47 -7.60 -29.91
C ASP E 19 -14.53 -8.44 -29.22
N ALA E 20 -14.22 -9.71 -28.98
CA ALA E 20 -15.14 -10.64 -28.33
C ALA E 20 -15.39 -10.37 -26.85
N LEU E 21 -14.49 -9.65 -26.20
CA LEU E 21 -14.65 -9.38 -24.77
C LEU E 21 -15.28 -8.02 -24.46
N GLU E 22 -15.69 -7.31 -25.50
CA GLU E 22 -16.33 -6.01 -25.30
C GLU E 22 -17.70 -6.22 -24.69
N PRO E 23 -18.21 -5.24 -23.92
CA PRO E 23 -17.59 -3.95 -23.58
C PRO E 23 -16.69 -3.97 -22.34
N TYR E 24 -16.47 -5.15 -21.76
CA TYR E 24 -15.65 -5.26 -20.57
C TYR E 24 -14.18 -4.96 -20.83
N ILE E 25 -13.67 -5.39 -21.96
CA ILE E 25 -12.28 -5.14 -22.34
C ILE E 25 -12.30 -4.80 -23.84
N SER E 26 -12.01 -3.55 -24.17
CA SER E 26 -12.02 -3.09 -25.55
C SER E 26 -11.07 -3.84 -26.49
N LYS E 27 -11.44 -3.90 -27.76
CA LYS E 27 -10.64 -4.56 -28.76
C LYS E 27 -9.30 -3.86 -28.95
N ASP E 28 -9.25 -2.58 -28.58
CA ASP E 28 -8.03 -1.79 -28.70
C ASP E 28 -6.97 -2.33 -27.76
N ILE E 29 -7.42 -2.80 -26.59
CA ILE E 29 -6.53 -3.36 -25.59
C ILE E 29 -6.11 -4.77 -26.01
N ILE E 30 -7.09 -5.61 -26.34
CA ILE E 30 -6.80 -6.99 -26.74
C ILE E 30 -5.82 -7.07 -27.91
N ASP E 31 -6.04 -6.22 -28.90
CA ASP E 31 -5.21 -6.19 -30.09
C ASP E 31 -3.71 -6.03 -29.75
N VAL E 32 -3.37 -4.95 -29.07
CA VAL E 32 -1.99 -4.66 -28.71
C VAL E 32 -1.47 -5.57 -27.59
N HIS E 33 -2.38 -6.01 -26.72
CA HIS E 33 -2.02 -6.89 -25.62
C HIS E 33 -1.56 -8.24 -26.16
N TYR E 34 -2.24 -8.70 -27.21
CA TYR E 34 -1.95 -9.99 -27.83
C TYR E 34 -0.86 -9.90 -28.89
N ASN E 35 -1.09 -9.07 -29.91
CA ASN E 35 -0.13 -8.92 -30.99
C ASN E 35 1.12 -8.15 -30.60
N GLY E 36 1.03 -7.36 -29.55
CA GLY E 36 2.18 -6.59 -29.12
C GLY E 36 2.95 -7.22 -27.98
N HIS E 37 2.35 -7.19 -26.79
CA HIS E 37 3.00 -7.73 -25.60
C HIS E 37 3.25 -9.24 -25.61
N HIS E 38 2.22 -10.06 -25.79
CA HIS E 38 2.41 -11.51 -25.79
C HIS E 38 3.41 -11.96 -26.84
N LYS E 39 3.24 -11.49 -28.07
CA LYS E 39 4.15 -11.86 -29.15
C LYS E 39 5.59 -11.47 -28.76
N GLY E 40 5.73 -10.33 -28.09
CA GLY E 40 7.04 -9.86 -27.69
C GLY E 40 7.73 -10.77 -26.67
N TYR E 41 6.95 -11.40 -25.80
CA TYR E 41 7.52 -12.30 -24.79
C TYR E 41 8.02 -13.58 -25.46
N VAL E 42 7.31 -14.03 -26.50
CA VAL E 42 7.70 -15.25 -27.22
C VAL E 42 9.02 -14.98 -27.95
N ASN E 43 9.09 -13.83 -28.60
CA ASN E 43 10.30 -13.44 -29.34
C ASN E 43 11.48 -13.23 -28.39
N GLY E 44 11.21 -12.59 -27.25
CA GLY E 44 12.27 -12.36 -26.28
C GLY E 44 12.81 -13.65 -25.69
N ALA E 45 11.92 -14.60 -25.42
CA ALA E 45 12.32 -15.89 -24.88
C ALA E 45 13.15 -16.69 -25.88
N ASN E 46 12.72 -16.69 -27.14
CA ASN E 46 13.42 -17.42 -28.18
C ASN E 46 14.79 -16.83 -28.50
N SER E 47 14.90 -15.51 -28.48
CA SER E 47 16.19 -14.88 -28.77
C SER E 47 17.17 -15.15 -27.63
N LEU E 48 16.65 -15.36 -26.43
CA LEU E 48 17.50 -15.65 -25.27
C LEU E 48 17.89 -17.13 -25.28
N LEU E 49 17.02 -17.98 -25.83
CA LEU E 49 17.30 -19.41 -25.91
C LEU E 49 18.40 -19.64 -26.95
N ASP E 50 18.46 -18.78 -27.95
CA ASP E 50 19.50 -18.87 -28.97
C ASP E 50 20.85 -18.67 -28.30
N ARG E 51 20.94 -17.64 -27.45
CA ARG E 51 22.17 -17.32 -26.75
C ARG E 51 22.59 -18.42 -25.79
N LEU E 52 21.63 -18.95 -25.05
CA LEU E 52 21.91 -20.02 -24.10
C LEU E 52 22.40 -21.26 -24.85
N GLU E 53 21.77 -21.54 -25.98
CA GLU E 53 22.15 -22.69 -26.79
C GLU E 53 23.60 -22.54 -27.27
N LYS E 54 23.96 -21.33 -27.73
CA LYS E 54 25.30 -21.07 -28.21
C LYS E 54 26.29 -21.26 -27.08
N LEU E 55 25.89 -20.79 -25.91
CA LEU E 55 26.70 -20.89 -24.70
C LEU E 55 26.99 -22.36 -24.39
N ILE E 56 25.95 -23.17 -24.43
CA ILE E 56 26.08 -24.59 -24.13
C ILE E 56 26.98 -25.30 -25.13
N LYS E 57 26.86 -24.93 -26.41
CA LYS E 57 27.65 -25.53 -27.47
C LYS E 57 29.11 -25.09 -27.40
N GLY E 58 29.34 -23.86 -26.95
CA GLY E 58 30.70 -23.35 -26.85
C GLY E 58 30.97 -22.27 -27.89
N ASP E 59 29.95 -21.96 -28.70
CA ASP E 59 30.10 -20.94 -29.74
C ASP E 59 30.17 -19.56 -29.09
N LEU E 60 29.63 -19.44 -27.89
CA LEU E 60 29.66 -18.18 -27.14
C LEU E 60 30.59 -18.45 -25.96
N PRO E 61 31.86 -18.01 -26.07
CA PRO E 61 32.85 -18.23 -25.02
C PRO E 61 32.71 -17.35 -23.78
N GLN E 62 33.24 -17.84 -22.67
CA GLN E 62 33.19 -17.11 -21.41
C GLN E 62 33.77 -15.73 -21.67
N GLY E 63 33.11 -14.71 -21.11
CA GLY E 63 33.57 -13.35 -21.30
C GLY E 63 32.74 -12.65 -22.35
N GLN E 64 31.90 -13.40 -23.05
CA GLN E 64 31.05 -12.82 -24.07
C GLN E 64 29.57 -12.90 -23.72
N TYR E 65 29.31 -13.11 -22.43
CA TYR E 65 27.95 -13.17 -21.93
C TYR E 65 27.96 -12.96 -20.43
N ASP E 66 26.78 -12.65 -19.88
CA ASP E 66 26.62 -12.45 -18.44
C ASP E 66 25.41 -13.33 -18.10
N LEU E 67 25.69 -14.57 -17.69
CA LEU E 67 24.68 -15.59 -17.36
C LEU E 67 23.42 -15.13 -16.64
N GLN E 68 23.58 -14.35 -15.57
CA GLN E 68 22.42 -13.89 -14.82
C GLN E 68 21.49 -13.07 -15.72
N GLY E 69 22.07 -12.39 -16.69
CA GLY E 69 21.28 -11.60 -17.61
C GLY E 69 20.44 -12.49 -18.50
N ILE E 70 20.99 -13.65 -18.86
CA ILE E 70 20.29 -14.59 -19.71
C ILE E 70 19.22 -15.34 -18.92
N LEU E 71 19.60 -15.88 -17.77
CA LEU E 71 18.68 -16.62 -16.91
C LEU E 71 17.48 -15.78 -16.44
N ARG E 72 17.75 -14.60 -15.88
CA ARG E 72 16.66 -13.76 -15.40
C ARG E 72 15.80 -13.25 -16.55
N GLY E 73 16.41 -13.10 -17.72
CA GLY E 73 15.67 -12.65 -18.87
C GLY E 73 14.70 -13.74 -19.31
N LEU E 74 15.06 -14.99 -19.03
CA LEU E 74 14.23 -16.13 -19.39
C LEU E 74 13.00 -16.29 -18.49
N THR E 75 13.14 -16.08 -17.17
CA THR E 75 11.97 -16.22 -16.30
C THR E 75 10.97 -15.17 -16.66
N PHE E 76 11.48 -13.97 -16.92
CA PHE E 76 10.64 -12.85 -17.28
C PHE E 76 9.83 -13.15 -18.53
N ASN E 77 10.52 -13.50 -19.62
CA ASN E 77 9.86 -13.78 -20.89
C ASN E 77 9.06 -15.08 -20.97
N ILE E 78 9.59 -16.17 -20.41
CA ILE E 78 8.87 -17.43 -20.46
C ILE E 78 7.60 -17.36 -19.62
N ASN E 79 7.68 -16.74 -18.45
CA ASN E 79 6.51 -16.62 -17.60
C ASN E 79 5.53 -15.66 -18.29
N GLY E 80 6.07 -14.64 -18.93
CA GLY E 80 5.22 -13.69 -19.62
C GLY E 80 4.37 -14.40 -20.67
N HIS E 81 5.00 -15.29 -21.42
CA HIS E 81 4.31 -16.04 -22.46
C HIS E 81 3.30 -17.03 -21.86
N LYS E 82 3.76 -17.90 -20.98
CA LYS E 82 2.91 -18.91 -20.36
C LYS E 82 1.68 -18.35 -19.63
N LEU E 83 1.86 -17.27 -18.88
CA LEU E 83 0.76 -16.69 -18.15
C LEU E 83 -0.27 -16.04 -19.06
N HIS E 84 0.19 -15.43 -20.15
CA HIS E 84 -0.74 -14.79 -21.08
C HIS E 84 -1.53 -15.87 -21.83
N ALA E 85 -0.88 -17.00 -22.08
CA ALA E 85 -1.52 -18.11 -22.78
C ALA E 85 -2.69 -18.67 -21.94
N ILE E 86 -2.51 -18.71 -20.62
CA ILE E 86 -3.58 -19.19 -19.74
C ILE E 86 -4.66 -18.12 -19.66
N TYR E 87 -4.22 -16.87 -19.56
CA TYR E 87 -5.11 -15.72 -19.47
C TYR E 87 -6.16 -15.69 -20.58
N TRP E 88 -5.72 -15.84 -21.83
CA TRP E 88 -6.63 -15.81 -22.98
C TRP E 88 -7.71 -16.88 -22.89
N ASN E 89 -7.31 -18.09 -22.52
CA ASN E 89 -8.21 -19.23 -22.40
C ASN E 89 -9.07 -19.18 -21.14
N ASN E 90 -8.62 -18.42 -20.15
CA ASN E 90 -9.34 -18.30 -18.89
C ASN E 90 -10.48 -17.27 -18.98
N MET E 91 -10.67 -16.71 -20.17
CA MET E 91 -11.73 -15.75 -20.39
C MET E 91 -12.59 -16.22 -21.56
N ALA E 92 -13.81 -15.72 -21.65
CA ALA E 92 -14.71 -16.11 -22.73
C ALA E 92 -15.66 -14.97 -23.07
N PRO E 93 -16.11 -14.91 -24.32
CA PRO E 93 -17.02 -13.83 -24.74
C PRO E 93 -18.19 -13.67 -23.78
N ALA E 94 -18.63 -12.42 -23.63
CA ALA E 94 -19.73 -12.04 -22.75
C ALA E 94 -20.71 -13.16 -22.35
N GLY E 95 -21.39 -13.72 -23.36
CA GLY E 95 -22.35 -14.77 -23.09
C GLY E 95 -21.78 -16.07 -22.53
N LYS E 96 -20.77 -16.61 -23.22
CA LYS E 96 -20.15 -17.85 -22.79
C LYS E 96 -19.42 -17.71 -21.46
N GLY E 97 -18.80 -16.55 -21.25
CA GLY E 97 -18.07 -16.31 -20.02
C GLY E 97 -18.90 -15.63 -18.95
N GLY E 98 -18.33 -15.54 -17.75
CA GLY E 98 -19.04 -14.91 -16.65
C GLY E 98 -19.90 -15.90 -15.90
N GLY E 99 -20.74 -15.39 -15.00
CA GLY E 99 -21.60 -16.29 -14.25
C GLY E 99 -20.95 -16.82 -12.99
N LYS E 100 -21.37 -18.01 -12.58
CA LYS E 100 -20.86 -18.64 -11.39
C LYS E 100 -20.23 -19.97 -11.77
N PRO E 101 -19.21 -20.41 -11.01
CA PRO E 101 -18.58 -21.69 -11.34
C PRO E 101 -19.51 -22.87 -11.07
N GLY E 102 -19.11 -24.05 -11.53
CA GLY E 102 -19.89 -25.26 -11.31
C GLY E 102 -18.97 -26.42 -11.08
N GLY E 103 -19.52 -27.63 -11.08
CA GLY E 103 -18.71 -28.83 -10.88
C GLY E 103 -17.92 -28.88 -9.58
N ALA E 104 -16.77 -29.55 -9.62
CA ALA E 104 -15.92 -29.69 -8.45
C ALA E 104 -15.38 -28.35 -7.95
N LEU E 105 -15.16 -27.43 -8.89
CA LEU E 105 -14.65 -26.11 -8.54
C LEU E 105 -15.60 -25.37 -7.62
N ALA E 106 -16.88 -25.32 -8.00
CA ALA E 106 -17.91 -24.66 -7.21
C ALA E 106 -18.03 -25.29 -5.83
N ASP E 107 -17.79 -26.60 -5.76
CA ASP E 107 -17.88 -27.35 -4.51
C ASP E 107 -16.72 -27.01 -3.58
N LEU E 108 -15.52 -26.91 -4.14
CA LEU E 108 -14.33 -26.59 -3.36
C LEU E 108 -14.41 -25.16 -2.84
N ILE E 109 -14.90 -24.25 -3.66
CA ILE E 109 -15.02 -22.86 -3.28
C ILE E 109 -15.99 -22.69 -2.10
N ASP E 110 -17.06 -23.48 -2.11
CA ASP E 110 -18.06 -23.44 -1.04
C ASP E 110 -17.49 -23.95 0.27
N LYS E 111 -16.74 -25.05 0.18
CA LYS E 111 -16.15 -25.66 1.36
C LYS E 111 -15.05 -24.82 2.00
N GLN E 112 -14.29 -24.10 1.17
CA GLN E 112 -13.18 -23.30 1.67
C GLN E 112 -13.46 -21.82 1.86
N TYR E 113 -14.44 -21.28 1.15
CA TYR E 113 -14.75 -19.86 1.25
C TYR E 113 -16.17 -19.61 1.74
N GLY E 114 -16.95 -20.69 1.89
CA GLY E 114 -18.32 -20.55 2.35
C GLY E 114 -19.30 -20.36 1.22
N SER E 115 -18.90 -19.59 0.21
CA SER E 115 -19.76 -19.33 -0.93
C SER E 115 -18.98 -18.62 -2.02
N PHE E 116 -19.56 -18.54 -3.20
CA PHE E 116 -18.90 -17.88 -4.32
C PHE E 116 -18.80 -16.38 -4.08
N ASP E 117 -19.77 -15.83 -3.36
CA ASP E 117 -19.79 -14.40 -3.07
C ASP E 117 -18.63 -14.01 -2.16
N ARG E 118 -18.35 -14.82 -1.15
CA ARG E 118 -17.24 -14.53 -0.24
C ARG E 118 -15.95 -14.67 -1.02
N PHE E 119 -15.82 -15.76 -1.77
CA PHE E 119 -14.63 -16.01 -2.57
C PHE E 119 -14.35 -14.82 -3.48
N LYS E 120 -15.39 -14.31 -4.12
CA LYS E 120 -15.28 -13.16 -5.02
C LYS E 120 -14.74 -11.96 -4.26
N GLN E 121 -15.23 -11.77 -3.03
CA GLN E 121 -14.81 -10.66 -2.18
C GLN E 121 -13.35 -10.79 -1.79
N VAL E 122 -12.96 -11.98 -1.32
CA VAL E 122 -11.59 -12.22 -0.91
C VAL E 122 -10.60 -12.14 -2.08
N PHE E 123 -10.97 -12.72 -3.22
CA PHE E 123 -10.11 -12.69 -4.39
C PHE E 123 -9.91 -11.25 -4.86
N SER E 124 -11.00 -10.48 -4.86
CA SER E 124 -10.93 -9.09 -5.28
C SER E 124 -10.06 -8.27 -4.33
N GLU E 125 -10.20 -8.52 -3.03
CA GLU E 125 -9.41 -7.80 -2.04
C GLU E 125 -7.94 -8.06 -2.25
N SER E 126 -7.62 -9.31 -2.55
CA SER E 126 -6.25 -9.74 -2.80
C SER E 126 -5.70 -9.06 -4.05
N ALA E 127 -6.49 -9.09 -5.12
CA ALA E 127 -6.08 -8.48 -6.37
C ALA E 127 -5.85 -6.99 -6.24
N ASN E 128 -6.65 -6.32 -5.40
CA ASN E 128 -6.51 -4.89 -5.22
C ASN E 128 -5.33 -4.52 -4.33
N SER E 129 -4.81 -5.49 -3.58
CA SER E 129 -3.69 -5.24 -2.69
C SER E 129 -2.34 -5.38 -3.39
N LEU E 130 -2.34 -5.88 -4.63
CA LEU E 130 -1.09 -6.06 -5.37
C LEU E 130 -0.37 -4.73 -5.58
N PRO E 131 0.87 -4.61 -5.08
CA PRO E 131 1.65 -3.38 -5.23
C PRO E 131 2.32 -3.26 -6.59
N GLY E 132 1.65 -2.58 -7.53
CA GLY E 132 2.22 -2.42 -8.86
C GLY E 132 1.73 -3.42 -9.88
N SER E 133 2.56 -3.67 -10.90
CA SER E 133 2.23 -4.61 -11.97
C SER E 133 2.42 -6.08 -11.60
N GLY E 134 1.50 -6.92 -12.06
CA GLY E 134 1.59 -8.35 -11.77
C GLY E 134 0.30 -9.08 -12.09
N TRP E 135 0.06 -10.18 -11.39
CA TRP E 135 -1.14 -10.98 -11.60
C TRP E 135 -1.67 -11.47 -10.26
N THR E 136 -2.94 -11.87 -10.24
CA THR E 136 -3.49 -12.46 -9.03
C THR E 136 -3.94 -13.82 -9.57
N VAL E 137 -3.49 -14.88 -8.90
CA VAL E 137 -3.78 -16.23 -9.35
C VAL E 137 -4.42 -17.10 -8.29
N LEU E 138 -5.08 -18.16 -8.74
CA LEU E 138 -5.69 -19.13 -7.85
C LEU E 138 -5.05 -20.45 -8.23
N TYR E 139 -4.27 -21.02 -7.33
CA TYR E 139 -3.61 -22.30 -7.60
C TYR E 139 -4.42 -23.40 -6.93
N TYR E 140 -4.16 -24.64 -7.35
CA TYR E 140 -4.80 -25.77 -6.71
C TYR E 140 -3.63 -26.53 -6.09
N ASP E 141 -3.61 -26.64 -4.77
CA ASP E 141 -2.54 -27.36 -4.10
C ASP E 141 -2.93 -28.81 -3.86
N ASN E 142 -2.35 -29.69 -4.67
CA ASN E 142 -2.61 -31.13 -4.59
C ASN E 142 -2.20 -31.75 -3.26
N GLU E 143 -1.23 -31.12 -2.58
CA GLU E 143 -0.75 -31.63 -1.30
C GLU E 143 -1.78 -31.42 -0.19
N SER E 144 -2.23 -30.18 -0.03
CA SER E 144 -3.19 -29.83 1.01
C SER E 144 -4.64 -29.89 0.52
N GLY E 145 -4.81 -29.71 -0.79
CA GLY E 145 -6.14 -29.71 -1.37
C GLY E 145 -6.75 -28.32 -1.36
N ASN E 146 -5.95 -27.34 -0.93
CA ASN E 146 -6.44 -25.96 -0.87
C ASN E 146 -6.36 -25.23 -2.19
N LEU E 147 -7.30 -24.31 -2.38
CA LEU E 147 -7.34 -23.45 -3.56
C LEU E 147 -6.64 -22.20 -3.04
N GLN E 148 -5.34 -22.09 -3.30
CA GLN E 148 -4.55 -20.97 -2.80
C GLN E 148 -4.49 -19.72 -3.67
N ILE E 149 -4.91 -18.59 -3.09
CA ILE E 149 -4.87 -17.31 -3.76
C ILE E 149 -3.45 -16.73 -3.60
N MET E 150 -2.97 -16.02 -4.61
CA MET E 150 -1.65 -15.44 -4.54
C MET E 150 -1.48 -14.27 -5.50
N THR E 151 -0.79 -13.23 -5.05
CA THR E 151 -0.53 -12.08 -5.90
C THR E 151 0.90 -12.26 -6.40
N VAL E 152 1.06 -12.24 -7.72
CA VAL E 152 2.36 -12.41 -8.34
C VAL E 152 2.88 -11.07 -8.84
N GLU E 153 4.11 -10.74 -8.45
CA GLU E 153 4.73 -9.47 -8.84
C GLU E 153 5.50 -9.68 -10.15
N ASN E 154 5.30 -8.78 -11.10
CA ASN E 154 5.90 -8.93 -12.42
C ASN E 154 5.34 -10.26 -12.92
N HIS E 155 6.08 -10.98 -13.74
CA HIS E 155 5.58 -12.27 -14.24
C HIS E 155 6.19 -13.43 -13.48
N PHE E 156 7.26 -13.17 -12.72
CA PHE E 156 8.01 -14.24 -12.06
C PHE E 156 8.22 -14.25 -10.55
N MET E 157 7.62 -13.33 -9.82
CA MET E 157 7.81 -13.32 -8.37
C MET E 157 6.58 -13.77 -7.59
N ASN E 158 6.80 -14.65 -6.62
CA ASN E 158 5.75 -15.17 -5.74
C ASN E 158 5.01 -16.43 -6.18
N HIS E 159 5.41 -17.05 -7.28
CA HIS E 159 4.74 -18.28 -7.71
C HIS E 159 5.00 -19.35 -6.67
N ILE E 160 4.07 -20.30 -6.56
CA ILE E 160 4.29 -21.42 -5.66
C ILE E 160 4.70 -22.55 -6.62
N ALA E 161 5.92 -23.06 -6.43
CA ALA E 161 6.51 -24.10 -7.28
C ALA E 161 5.60 -25.28 -7.62
N GLU E 162 5.56 -25.61 -8.91
CA GLU E 162 4.79 -26.74 -9.43
C GLU E 162 3.27 -26.68 -9.43
N LEU E 163 2.66 -25.75 -8.70
CA LEU E 163 1.21 -25.70 -8.65
C LEU E 163 0.56 -25.17 -9.93
N PRO E 164 -0.52 -25.85 -10.37
CA PRO E 164 -1.25 -25.44 -11.58
C PRO E 164 -2.14 -24.22 -11.33
N VAL E 165 -2.28 -23.39 -12.35
CA VAL E 165 -3.11 -22.20 -12.29
C VAL E 165 -4.56 -22.56 -12.67
N ILE E 166 -5.50 -22.19 -11.82
CA ILE E 166 -6.92 -22.48 -12.07
C ILE E 166 -7.65 -21.24 -12.55
N LEU E 167 -7.33 -20.11 -11.96
CA LEU E 167 -7.95 -18.83 -12.31
C LEU E 167 -6.87 -17.75 -12.32
N ILE E 168 -6.95 -16.80 -13.24
CA ILE E 168 -5.93 -15.75 -13.32
C ILE E 168 -6.37 -14.41 -13.92
N VAL E 169 -5.86 -13.32 -13.35
CA VAL E 169 -6.16 -11.97 -13.83
C VAL E 169 -4.87 -11.21 -14.07
N ASP E 170 -4.73 -10.63 -15.26
CA ASP E 170 -3.56 -9.84 -15.61
C ASP E 170 -3.75 -8.45 -14.99
N GLU E 171 -2.79 -8.00 -14.20
CA GLU E 171 -2.89 -6.69 -13.57
C GLU E 171 -1.79 -5.71 -13.97
N PHE E 172 -1.14 -5.99 -15.08
CA PHE E 172 -0.11 -5.10 -15.61
C PHE E 172 -0.98 -3.95 -16.14
N GLU E 173 -0.47 -2.73 -16.05
CA GLU E 173 -1.24 -1.58 -16.51
C GLU E 173 -1.70 -1.67 -17.95
N HIS E 174 -0.92 -2.34 -18.80
CA HIS E 174 -1.30 -2.47 -20.21
C HIS E 174 -2.57 -3.31 -20.40
N ALA E 175 -2.98 -4.01 -19.36
CA ALA E 175 -4.18 -4.84 -19.43
C ALA E 175 -5.48 -4.06 -19.36
N TYR E 176 -5.42 -2.82 -18.91
CA TYR E 176 -6.64 -2.03 -18.76
C TYR E 176 -6.51 -0.53 -18.93
N TYR E 177 -5.29 -0.03 -18.98
CA TYR E 177 -5.09 1.42 -19.06
C TYR E 177 -5.80 2.22 -20.14
N LEU E 178 -5.78 1.73 -21.38
CA LEU E 178 -6.42 2.46 -22.47
C LEU E 178 -7.90 2.70 -22.22
N GLN E 179 -8.54 1.79 -21.49
CA GLN E 179 -9.95 1.91 -21.24
C GLN E 179 -10.33 2.40 -19.84
N TYR E 180 -9.62 1.90 -18.83
CA TYR E 180 -9.92 2.28 -17.44
C TYR E 180 -8.93 3.23 -16.81
N LYS E 181 -7.84 3.52 -17.51
CA LYS E 181 -6.81 4.41 -16.97
C LYS E 181 -6.33 3.83 -15.64
N ASN E 182 -6.19 4.67 -14.62
CA ASN E 182 -5.71 4.20 -13.33
C ASN E 182 -6.77 3.52 -12.47
N LYS E 183 -7.95 3.30 -13.03
CA LYS E 183 -9.04 2.67 -12.27
C LYS E 183 -8.99 1.14 -12.35
N ARG E 184 -7.94 0.57 -11.77
CA ARG E 184 -7.73 -0.86 -11.75
C ARG E 184 -8.89 -1.63 -11.11
N GLY E 185 -9.51 -1.03 -10.09
CA GLY E 185 -10.62 -1.68 -9.41
C GLY E 185 -11.83 -1.84 -10.32
N ASP E 186 -12.06 -0.86 -11.18
CA ASP E 186 -13.18 -0.91 -12.11
C ASP E 186 -12.94 -2.01 -13.13
N TYR E 187 -11.68 -2.20 -13.50
CA TYR E 187 -11.30 -3.24 -14.46
C TYR E 187 -11.54 -4.61 -13.85
N LEU E 188 -11.16 -4.77 -12.57
CA LEU E 188 -11.32 -6.04 -11.88
C LEU E 188 -12.80 -6.42 -11.74
N ASN E 189 -13.65 -5.42 -11.57
CA ASN E 189 -15.07 -5.67 -11.43
C ASN E 189 -15.63 -6.13 -12.77
N ALA E 190 -15.13 -5.54 -13.85
CA ALA E 190 -15.58 -5.88 -15.19
C ALA E 190 -15.12 -7.27 -15.61
N TRP E 191 -13.89 -7.61 -15.26
CA TRP E 191 -13.29 -8.90 -15.60
C TRP E 191 -14.13 -10.11 -15.17
N TRP E 192 -14.82 -10.00 -14.04
CA TRP E 192 -15.65 -11.09 -13.54
C TRP E 192 -16.71 -11.52 -14.56
N ASN E 193 -17.10 -10.60 -15.44
CA ASN E 193 -18.12 -10.87 -16.44
C ASN E 193 -17.65 -11.67 -17.65
N VAL E 194 -16.34 -11.87 -17.79
CA VAL E 194 -15.81 -12.63 -18.92
C VAL E 194 -14.98 -13.82 -18.50
N VAL E 195 -15.00 -14.15 -17.22
CA VAL E 195 -14.25 -15.29 -16.71
C VAL E 195 -14.84 -16.58 -17.29
N ASN E 196 -13.97 -17.44 -17.82
CA ASN E 196 -14.40 -18.70 -18.40
C ASN E 196 -14.33 -19.82 -17.38
N TRP E 197 -15.42 -20.02 -16.65
CA TRP E 197 -15.47 -21.04 -15.61
C TRP E 197 -15.36 -22.47 -16.13
N ASP E 198 -15.68 -22.68 -17.40
CA ASP E 198 -15.57 -24.00 -18.00
C ASP E 198 -14.10 -24.34 -18.10
N ASP E 199 -13.30 -23.37 -18.53
CA ASP E 199 -11.87 -23.54 -18.66
C ASP E 199 -11.27 -23.80 -17.28
N ALA E 200 -11.70 -23.02 -16.28
CA ALA E 200 -11.22 -23.18 -14.91
C ALA E 200 -11.52 -24.57 -14.33
N GLU E 201 -12.74 -25.05 -14.57
CA GLU E 201 -13.13 -26.36 -14.06
C GLU E 201 -12.33 -27.46 -14.76
N LYS E 202 -12.04 -27.28 -16.04
CA LYS E 202 -11.28 -28.26 -16.81
C LYS E 202 -9.85 -28.38 -16.27
N ARG E 203 -9.26 -27.26 -15.88
CA ARG E 203 -7.91 -27.24 -15.34
C ARG E 203 -7.89 -27.97 -14.00
N LEU E 204 -8.91 -27.75 -13.19
CA LEU E 204 -9.01 -28.41 -11.88
C LEU E 204 -9.14 -29.92 -12.02
N GLN E 205 -10.04 -30.36 -12.90
CA GLN E 205 -10.28 -31.79 -13.13
C GLN E 205 -9.00 -32.53 -13.50
N LYS E 206 -8.08 -31.83 -14.16
CA LYS E 206 -6.81 -32.40 -14.58
C LYS E 206 -5.94 -32.86 -13.43
N TYR E 207 -6.14 -32.28 -12.25
CA TYR E 207 -5.32 -32.61 -11.09
C TYR E 207 -6.07 -33.23 -9.91
N LEU E 208 -7.38 -33.33 -10.01
CA LEU E 208 -8.17 -33.92 -8.94
C LEU E 208 -7.93 -35.42 -8.85
N ASN E 209 -7.56 -35.88 -7.66
CA ASN E 209 -7.29 -37.29 -7.41
C ASN E 209 -6.18 -37.86 -8.31
N LYS E 210 -5.16 -37.04 -8.54
CA LYS E 210 -4.03 -37.44 -9.38
C LYS E 210 -2.71 -36.92 -8.80
N VAL F 3 3.59 13.65 22.09
CA VAL F 3 3.70 12.28 22.67
C VAL F 3 3.50 11.24 21.58
N ILE F 4 4.57 10.53 21.25
CA ILE F 4 4.51 9.49 20.22
C ILE F 4 3.73 9.98 18.99
N GLN F 5 4.45 10.44 17.99
CA GLN F 5 3.80 10.93 16.78
C GLN F 5 4.78 11.00 15.62
N LEU F 6 4.34 10.52 14.46
CA LEU F 6 5.16 10.53 13.27
C LEU F 6 4.60 11.59 12.35
N LYS F 7 5.45 12.18 11.52
CA LYS F 7 5.00 13.21 10.58
C LYS F 7 4.48 12.54 9.31
N ARG F 8 3.55 13.20 8.63
CA ARG F 8 2.99 12.66 7.40
C ARG F 8 3.57 13.40 6.20
N TYR F 9 3.35 12.84 5.02
CA TYR F 9 3.84 13.45 3.78
C TYR F 9 2.83 14.40 3.18
N GLU F 10 3.34 15.40 2.47
CA GLU F 10 2.49 16.38 1.82
C GLU F 10 2.57 16.22 0.31
N PHE F 11 1.44 16.39 -0.38
CA PHE F 11 1.39 16.28 -1.83
C PHE F 11 1.98 17.57 -2.40
N PRO F 12 3.08 17.46 -3.17
CA PRO F 12 3.71 18.66 -3.75
C PRO F 12 2.94 19.21 -4.94
N GLN F 13 3.31 20.42 -5.34
CA GLN F 13 2.68 21.08 -6.47
C GLN F 13 3.47 20.80 -7.74
N LEU F 14 2.80 20.73 -8.87
CA LEU F 14 3.47 20.51 -10.13
C LEU F 14 4.20 21.81 -10.45
N PRO F 15 5.45 21.74 -10.92
CA PRO F 15 6.22 22.95 -11.25
C PRO F 15 5.78 23.70 -12.52
N TYR F 16 4.79 23.17 -13.22
CA TYR F 16 4.30 23.80 -14.45
C TYR F 16 2.88 23.32 -14.73
N LYS F 17 2.30 23.79 -15.83
CA LYS F 17 0.95 23.38 -16.21
C LYS F 17 0.99 21.96 -16.74
N VAL F 18 -0.12 21.24 -16.62
CA VAL F 18 -0.19 19.85 -17.07
C VAL F 18 0.06 19.64 -18.57
N ASP F 19 -0.03 20.70 -19.35
CA ASP F 19 0.20 20.60 -20.79
C ASP F 19 1.52 21.24 -21.22
N ALA F 20 2.35 21.56 -20.24
CA ALA F 20 3.64 22.19 -20.49
C ALA F 20 4.66 21.28 -21.15
N LEU F 21 4.46 19.97 -21.07
CA LEU F 21 5.41 19.03 -21.66
C LEU F 21 5.04 18.55 -23.06
N GLU F 22 3.94 19.06 -23.59
CA GLU F 22 3.51 18.67 -24.91
C GLU F 22 4.48 19.22 -25.96
N PRO F 23 4.60 18.54 -27.12
CA PRO F 23 3.93 17.31 -27.54
C PRO F 23 4.61 16.02 -27.10
N TYR F 24 5.70 16.14 -26.36
CA TYR F 24 6.45 14.98 -25.90
C TYR F 24 5.67 14.09 -24.94
N ILE F 25 4.92 14.70 -24.03
CA ILE F 25 4.10 13.95 -23.10
C ILE F 25 2.79 14.72 -22.97
N SER F 26 1.71 14.13 -23.47
CA SER F 26 0.40 14.77 -23.46
C SER F 26 -0.11 15.14 -22.08
N LYS F 27 -0.97 16.16 -22.05
CA LYS F 27 -1.56 16.63 -20.81
C LYS F 27 -2.45 15.56 -20.20
N ASP F 28 -2.99 14.69 -21.04
CA ASP F 28 -3.85 13.61 -20.57
C ASP F 28 -3.08 12.67 -19.65
N ILE F 29 -1.81 12.46 -19.96
CA ILE F 29 -0.98 11.59 -19.14
C ILE F 29 -0.56 12.31 -17.86
N ILE F 30 -0.01 13.52 -18.00
CA ILE F 30 0.42 14.30 -16.84
C ILE F 30 -0.69 14.51 -15.81
N ASP F 31 -1.87 14.80 -16.29
CA ASP F 31 -3.01 15.04 -15.43
C ASP F 31 -3.28 13.87 -14.48
N VAL F 32 -3.49 12.68 -15.03
CA VAL F 32 -3.77 11.48 -14.23
C VAL F 32 -2.51 10.96 -13.52
N HIS F 33 -1.35 11.16 -14.14
CA HIS F 33 -0.08 10.73 -13.57
C HIS F 33 0.19 11.48 -12.27
N TYR F 34 -0.13 12.77 -12.27
CA TYR F 34 0.07 13.62 -11.11
C TYR F 34 -1.09 13.56 -10.12
N ASN F 35 -2.29 13.89 -10.60
CA ASN F 35 -3.48 13.92 -9.75
C ASN F 35 -3.97 12.53 -9.36
N GLY F 36 -3.64 11.53 -10.16
CA GLY F 36 -4.08 10.19 -9.86
C GLY F 36 -3.04 9.36 -9.14
N HIS F 37 -2.01 8.96 -9.87
CA HIS F 37 -0.94 8.12 -9.31
C HIS F 37 -0.13 8.74 -8.17
N HIS F 38 0.51 9.88 -8.40
CA HIS F 38 1.31 10.49 -7.35
C HIS F 38 0.50 10.75 -6.08
N LYS F 39 -0.65 11.40 -6.23
CA LYS F 39 -1.49 11.69 -5.08
C LYS F 39 -1.81 10.41 -4.32
N GLY F 40 -2.03 9.32 -5.07
CA GLY F 40 -2.34 8.04 -4.45
C GLY F 40 -1.21 7.49 -3.59
N TYR F 41 0.04 7.72 -4.00
CA TYR F 41 1.18 7.22 -3.23
C TYR F 41 1.30 7.98 -1.92
N VAL F 42 1.00 9.28 -1.95
CA VAL F 42 1.07 10.09 -0.75
C VAL F 42 -0.01 9.61 0.24
N ASN F 43 -1.22 9.41 -0.28
CA ASN F 43 -2.33 8.93 0.55
C ASN F 43 -2.05 7.54 1.10
N GLY F 44 -1.53 6.67 0.25
CA GLY F 44 -1.22 5.31 0.68
C GLY F 44 -0.17 5.28 1.78
N ALA F 45 0.85 6.11 1.64
CA ALA F 45 1.94 6.16 2.62
C ALA F 45 1.41 6.68 3.96
N ASN F 46 0.62 7.76 3.91
CA ASN F 46 0.08 8.34 5.12
C ASN F 46 -0.88 7.42 5.84
N SER F 47 -1.67 6.66 5.09
CA SER F 47 -2.62 5.75 5.71
C SER F 47 -1.88 4.60 6.41
N LEU F 48 -0.70 4.26 5.89
CA LEU F 48 0.09 3.18 6.50
C LEU F 48 0.85 3.71 7.71
N LEU F 49 1.20 5.01 7.67
CA LEU F 49 1.91 5.64 8.78
C LEU F 49 0.98 5.71 9.98
N ASP F 50 -0.31 5.86 9.71
CA ASP F 50 -1.31 5.91 10.77
C ASP F 50 -1.28 4.59 11.52
N ARG F 51 -1.28 3.49 10.76
CA ARG F 51 -1.27 2.15 11.32
C ARG F 51 0.00 1.88 12.11
N LEU F 52 1.14 2.28 11.55
CA LEU F 52 2.42 2.08 12.23
C LEU F 52 2.43 2.87 13.53
N GLU F 53 1.90 4.09 13.48
CA GLU F 53 1.85 4.96 14.64
C GLU F 53 1.03 4.32 15.75
N LYS F 54 -0.12 3.76 15.39
CA LYS F 54 -1.00 3.10 16.36
C LYS F 54 -0.29 1.90 16.97
N LEU F 55 0.40 1.17 16.11
CA LEU F 55 1.15 -0.01 16.51
C LEU F 55 2.18 0.37 17.56
N ILE F 56 2.93 1.42 17.27
CA ILE F 56 3.97 1.91 18.17
C ILE F 56 3.39 2.35 19.51
N LYS F 57 2.25 3.02 19.47
CA LYS F 57 1.60 3.49 20.69
C LYS F 57 1.00 2.35 21.50
N GLY F 58 0.54 1.32 20.81
CA GLY F 58 -0.06 0.18 21.48
C GLY F 58 -1.56 0.10 21.23
N ASP F 59 -2.07 1.04 20.45
CA ASP F 59 -3.49 1.10 20.13
C ASP F 59 -3.86 -0.05 19.20
N LEU F 60 -2.87 -0.54 18.45
CA LEU F 60 -3.05 -1.66 17.54
C LEU F 60 -2.27 -2.80 18.16
N PRO F 61 -2.96 -3.69 18.89
CA PRO F 61 -2.32 -4.83 19.55
C PRO F 61 -1.87 -5.96 18.62
N GLN F 62 -0.90 -6.74 19.09
CA GLN F 62 -0.40 -7.87 18.34
C GLN F 62 -1.57 -8.75 17.97
N GLY F 63 -1.58 -9.22 16.72
CA GLY F 63 -2.67 -10.06 16.26
C GLY F 63 -3.65 -9.27 15.43
N GLN F 64 -3.47 -7.95 15.40
CA GLN F 64 -4.36 -7.08 14.63
C GLN F 64 -3.63 -6.43 13.47
N TYR F 65 -2.47 -6.98 13.12
CA TYR F 65 -1.70 -6.45 12.01
C TYR F 65 -0.68 -7.48 11.54
N ASP F 66 -0.14 -7.25 10.35
CA ASP F 66 0.88 -8.11 9.78
C ASP F 66 1.98 -7.15 9.34
N LEU F 67 2.95 -6.95 10.24
CA LEU F 67 4.06 -6.02 10.04
C LEU F 67 4.69 -5.95 8.66
N GLN F 68 5.00 -7.09 8.06
CA GLN F 68 5.59 -7.09 6.73
C GLN F 68 4.68 -6.39 5.74
N GLY F 69 3.38 -6.48 5.98
CA GLY F 69 2.44 -5.82 5.08
C GLY F 69 2.54 -4.32 5.20
N ILE F 70 2.81 -3.84 6.42
CA ILE F 70 2.93 -2.41 6.66
C ILE F 70 4.28 -1.89 6.16
N LEU F 71 5.36 -2.60 6.50
CA LEU F 71 6.71 -2.20 6.08
C LEU F 71 6.91 -2.21 4.57
N ARG F 72 6.52 -3.29 3.90
CA ARG F 72 6.69 -3.33 2.44
C ARG F 72 5.75 -2.37 1.74
N GLY F 73 4.59 -2.11 2.36
CA GLY F 73 3.64 -1.17 1.79
C GLY F 73 4.22 0.23 1.84
N LEU F 74 5.06 0.48 2.83
CA LEU F 74 5.69 1.78 3.00
C LEU F 74 6.81 2.03 1.97
N THR F 75 7.65 1.03 1.66
CA THR F 75 8.71 1.27 0.67
C THR F 75 8.08 1.57 -0.66
N PHE F 76 7.02 0.81 -0.96
CA PHE F 76 6.31 0.98 -2.21
C PHE F 76 5.77 2.41 -2.33
N ASN F 77 4.95 2.83 -1.37
CA ASN F 77 4.35 4.16 -1.42
C ASN F 77 5.31 5.33 -1.19
N ILE F 78 6.20 5.23 -0.21
CA ILE F 78 7.13 6.32 0.04
C ILE F 78 8.05 6.55 -1.16
N ASN F 79 8.54 5.47 -1.74
CA ASN F 79 9.42 5.57 -2.90
C ASN F 79 8.60 6.12 -4.08
N GLY F 80 7.36 5.66 -4.20
CA GLY F 80 6.52 6.13 -5.28
C GLY F 80 6.37 7.64 -5.24
N HIS F 81 6.20 8.18 -4.04
CA HIS F 81 6.05 9.62 -3.84
C HIS F 81 7.36 10.35 -4.12
N LYS F 82 8.41 9.95 -3.42
CA LYS F 82 9.71 10.60 -3.57
C LYS F 82 10.27 10.59 -4.99
N LEU F 83 10.10 9.47 -5.70
CA LEU F 83 10.61 9.37 -7.06
C LEU F 83 9.82 10.25 -8.03
N HIS F 84 8.51 10.35 -7.81
CA HIS F 84 7.70 11.18 -8.69
C HIS F 84 7.99 12.65 -8.44
N ALA F 85 8.30 12.99 -7.19
CA ALA F 85 8.61 14.37 -6.83
C ALA F 85 9.88 14.83 -7.57
N ILE F 86 10.87 13.93 -7.69
CA ILE F 86 12.11 14.27 -8.40
C ILE F 86 11.83 14.34 -9.90
N TYR F 87 11.07 13.37 -10.39
CA TYR F 87 10.70 13.27 -11.78
C TYR F 87 10.08 14.55 -12.34
N TRP F 88 9.10 15.13 -11.65
CA TRP F 88 8.47 16.37 -12.13
C TRP F 88 9.47 17.52 -12.26
N ASN F 89 10.34 17.65 -11.27
CA ASN F 89 11.34 18.71 -11.28
C ASN F 89 12.49 18.42 -12.23
N ASN F 90 12.68 17.14 -12.58
CA ASN F 90 13.76 16.74 -13.47
C ASN F 90 13.40 16.95 -14.95
N MET F 91 12.22 17.54 -15.18
CA MET F 91 11.75 17.83 -16.53
C MET F 91 11.40 19.31 -16.59
N ALA F 92 11.36 19.86 -17.79
CA ALA F 92 11.03 21.26 -17.98
C ALA F 92 10.36 21.45 -19.34
N PRO F 93 9.49 22.47 -19.46
CA PRO F 93 8.80 22.74 -20.71
C PRO F 93 9.74 22.76 -21.92
N ALA F 94 9.21 22.30 -23.06
CA ALA F 94 9.95 22.23 -24.32
C ALA F 94 11.17 23.14 -24.45
N GLY F 95 10.94 24.45 -24.37
CA GLY F 95 12.02 25.39 -24.49
C GLY F 95 13.06 25.35 -23.38
N LYS F 96 12.61 25.42 -22.14
CA LYS F 96 13.49 25.40 -20.97
C LYS F 96 14.23 24.07 -20.80
N GLY F 97 13.54 22.97 -21.10
CA GLY F 97 14.16 21.66 -20.96
C GLY F 97 14.78 21.17 -22.25
N GLY F 98 15.48 20.04 -22.16
CA GLY F 98 16.11 19.46 -23.34
C GLY F 98 17.50 20.01 -23.53
N GLY F 99 18.10 19.72 -24.69
CA GLY F 99 19.44 20.21 -24.95
C GLY F 99 20.52 19.31 -24.39
N LYS F 100 21.66 19.92 -24.07
CA LYS F 100 22.81 19.21 -23.54
C LYS F 100 23.13 19.70 -22.13
N PRO F 101 23.73 18.85 -21.28
CA PRO F 101 24.04 19.31 -19.94
C PRO F 101 25.19 20.32 -19.94
N GLY F 102 25.42 20.94 -18.80
CA GLY F 102 26.49 21.90 -18.68
C GLY F 102 27.10 21.76 -17.30
N GLY F 103 27.98 22.69 -16.94
CA GLY F 103 28.61 22.65 -15.64
C GLY F 103 29.38 21.39 -15.29
N ALA F 104 29.43 21.09 -14.00
CA ALA F 104 30.14 19.93 -13.50
C ALA F 104 29.58 18.63 -14.06
N LEU F 105 28.27 18.60 -14.29
CA LEU F 105 27.64 17.40 -14.81
C LEU F 105 28.15 17.06 -16.20
N ALA F 106 28.20 18.06 -17.09
CA ALA F 106 28.69 17.84 -18.45
C ALA F 106 30.14 17.38 -18.42
N ASP F 107 30.89 17.90 -17.45
CA ASP F 107 32.31 17.57 -17.27
C ASP F 107 32.52 16.11 -16.86
N LEU F 108 31.72 15.64 -15.91
CA LEU F 108 31.82 14.26 -15.43
C LEU F 108 31.37 13.28 -16.51
N ILE F 109 30.31 13.64 -17.24
CA ILE F 109 29.81 12.78 -18.31
C ILE F 109 30.87 12.58 -19.40
N ASP F 110 31.62 13.65 -19.69
CA ASP F 110 32.67 13.59 -20.70
C ASP F 110 33.82 12.68 -20.25
N LYS F 111 34.22 12.82 -19.00
CA LYS F 111 35.32 12.04 -18.46
C LYS F 111 34.99 10.57 -18.26
N GLN F 112 33.73 10.27 -17.98
CA GLN F 112 33.32 8.89 -17.73
C GLN F 112 32.67 8.17 -18.90
N TYR F 113 32.11 8.92 -19.83
CA TYR F 113 31.44 8.31 -20.98
C TYR F 113 32.03 8.76 -22.31
N GLY F 114 32.99 9.68 -22.25
CA GLY F 114 33.62 10.18 -23.47
C GLY F 114 32.91 11.37 -24.07
N SER F 115 31.58 11.36 -24.05
CA SER F 115 30.80 12.46 -24.60
C SER F 115 29.34 12.29 -24.22
N PHE F 116 28.56 13.34 -24.42
CA PHE F 116 27.15 13.29 -24.10
C PHE F 116 26.41 12.32 -25.01
N ASP F 117 26.90 12.18 -26.24
CA ASP F 117 26.28 11.28 -27.20
C ASP F 117 26.40 9.81 -26.78
N ARG F 118 27.56 9.44 -26.26
CA ARG F 118 27.76 8.06 -25.81
C ARG F 118 26.91 7.82 -24.58
N PHE F 119 26.94 8.77 -23.64
CA PHE F 119 26.16 8.65 -22.42
C PHE F 119 24.69 8.44 -22.78
N LYS F 120 24.19 9.24 -23.71
CA LYS F 120 22.81 9.13 -24.17
C LYS F 120 22.53 7.73 -24.71
N GLN F 121 23.48 7.19 -25.45
CA GLN F 121 23.34 5.86 -26.03
C GLN F 121 23.33 4.77 -24.95
N VAL F 122 24.26 4.87 -24.00
CA VAL F 122 24.35 3.90 -22.93
C VAL F 122 23.17 3.99 -21.95
N PHE F 123 22.72 5.20 -21.66
CA PHE F 123 21.58 5.40 -20.76
C PHE F 123 20.30 4.83 -21.40
N SER F 124 20.11 5.09 -22.69
CA SER F 124 18.95 4.61 -23.41
C SER F 124 18.96 3.08 -23.50
N GLU F 125 20.14 2.51 -23.73
CA GLU F 125 20.28 1.06 -23.83
C GLU F 125 19.88 0.43 -22.51
N SER F 126 20.31 1.04 -21.41
CA SER F 126 19.99 0.54 -20.08
C SER F 126 18.50 0.64 -19.81
N ALA F 127 17.92 1.80 -20.12
CA ALA F 127 16.51 2.05 -19.92
C ALA F 127 15.64 1.07 -20.70
N ASN F 128 16.11 0.70 -21.89
CA ASN F 128 15.37 -0.22 -22.73
C ASN F 128 15.49 -1.67 -22.27
N SER F 129 16.49 -1.95 -21.43
CA SER F 129 16.71 -3.30 -20.92
C SER F 129 15.90 -3.63 -19.69
N LEU F 130 15.28 -2.62 -19.10
CA LEU F 130 14.47 -2.79 -17.90
C LEU F 130 13.33 -3.78 -18.14
N PRO F 131 13.30 -4.90 -17.40
CA PRO F 131 12.25 -5.90 -17.56
C PRO F 131 10.96 -5.53 -16.81
N GLY F 132 10.02 -4.91 -17.52
CA GLY F 132 8.77 -4.53 -16.88
C GLY F 132 8.72 -3.09 -16.42
N SER F 133 7.89 -2.85 -15.41
CA SER F 133 7.70 -1.51 -14.85
C SER F 133 8.82 -1.10 -13.89
N GLY F 134 9.22 0.17 -13.98
CA GLY F 134 10.27 0.65 -13.11
C GLY F 134 10.79 2.00 -13.56
N TRP F 135 12.02 2.30 -13.18
CA TRP F 135 12.66 3.55 -13.53
C TRP F 135 14.12 3.29 -13.87
N THR F 136 14.73 4.23 -14.59
CA THR F 136 16.15 4.14 -14.88
C THR F 136 16.68 5.41 -14.25
N VAL F 137 17.67 5.25 -13.40
CA VAL F 137 18.24 6.37 -12.67
C VAL F 137 19.74 6.56 -12.85
N LEU F 138 20.20 7.77 -12.58
CA LEU F 138 21.62 8.07 -12.63
C LEU F 138 21.92 8.62 -11.24
N TYR F 139 22.75 7.88 -10.50
CA TYR F 139 23.12 8.32 -9.17
C TYR F 139 24.50 8.93 -9.24
N TYR F 140 24.88 9.63 -8.18
CA TYR F 140 26.21 10.19 -8.09
C TYR F 140 26.78 9.49 -6.86
N ASP F 141 27.86 8.72 -7.04
CA ASP F 141 28.48 8.03 -5.93
C ASP F 141 29.62 8.88 -5.39
N ASN F 142 29.39 9.49 -4.23
CA ASN F 142 30.37 10.35 -3.60
C ASN F 142 31.63 9.58 -3.20
N GLU F 143 31.50 8.27 -3.01
CA GLU F 143 32.65 7.46 -2.60
C GLU F 143 33.66 7.27 -3.74
N SER F 144 33.16 6.83 -4.89
CA SER F 144 34.01 6.58 -6.04
C SER F 144 34.06 7.78 -6.97
N GLY F 145 33.01 8.59 -6.95
CA GLY F 145 32.96 9.75 -7.81
C GLY F 145 32.29 9.39 -9.13
N ASN F 146 31.79 8.16 -9.23
CA ASN F 146 31.14 7.70 -10.46
C ASN F 146 29.69 8.12 -10.58
N LEU F 147 29.25 8.35 -11.81
CA LEU F 147 27.86 8.66 -12.08
C LEU F 147 27.33 7.26 -12.46
N GLN F 148 26.70 6.58 -11.50
CA GLN F 148 26.20 5.23 -11.72
C GLN F 148 24.78 5.10 -12.28
N ILE F 149 24.68 4.43 -13.42
CA ILE F 149 23.38 4.18 -14.05
C ILE F 149 22.79 2.93 -13.39
N MET F 150 21.47 2.89 -13.26
CA MET F 150 20.83 1.75 -12.65
C MET F 150 19.36 1.65 -13.06
N THR F 151 18.89 0.43 -13.30
CA THR F 151 17.50 0.21 -13.64
C THR F 151 16.83 -0.23 -12.34
N VAL F 152 15.78 0.47 -11.96
CA VAL F 152 15.07 0.16 -10.72
C VAL F 152 13.77 -0.55 -11.05
N GLU F 153 13.53 -1.69 -10.41
CA GLU F 153 12.30 -2.44 -10.64
C GLU F 153 11.24 -2.01 -9.63
N ASN F 154 10.03 -1.76 -10.14
CA ASN F 154 8.93 -1.25 -9.32
C ASN F 154 9.47 0.08 -8.79
N HIS F 155 9.12 0.48 -7.58
CA HIS F 155 9.62 1.76 -7.05
C HIS F 155 10.74 1.53 -6.05
N PHE F 156 10.87 0.30 -5.57
CA PHE F 156 11.82 0.02 -4.50
C PHE F 156 12.89 -1.05 -4.67
N MET F 157 13.06 -1.59 -5.87
CA MET F 157 14.08 -2.63 -6.05
C MET F 157 15.28 -2.17 -6.88
N ASN F 158 16.48 -2.44 -6.37
CA ASN F 158 17.76 -2.11 -7.00
C ASN F 158 18.38 -0.75 -6.67
N HIS F 159 17.80 0.01 -5.74
CA HIS F 159 18.37 1.30 -5.38
C HIS F 159 19.72 1.04 -4.73
N ILE F 160 20.64 1.99 -4.85
CA ILE F 160 21.94 1.85 -4.20
C ILE F 160 21.79 2.76 -2.98
N ALA F 161 21.90 2.17 -1.79
CA ALA F 161 21.73 2.88 -0.53
C ALA F 161 22.39 4.27 -0.41
N GLU F 162 21.60 5.23 0.05
CA GLU F 162 22.04 6.62 0.30
C GLU F 162 22.45 7.50 -0.88
N LEU F 163 22.62 6.94 -2.07
CA LEU F 163 23.05 7.76 -3.21
C LEU F 163 21.95 8.66 -3.76
N PRO F 164 22.30 9.92 -4.03
CA PRO F 164 21.35 10.90 -4.56
C PRO F 164 21.05 10.68 -6.05
N VAL F 165 19.81 10.98 -6.42
CA VAL F 165 19.35 10.84 -7.80
C VAL F 165 19.67 12.12 -8.56
N ILE F 166 20.35 11.98 -9.69
CA ILE F 166 20.74 13.13 -10.51
C ILE F 166 19.83 13.27 -11.74
N LEU F 167 19.51 12.13 -12.34
CA LEU F 167 18.66 12.08 -13.52
C LEU F 167 17.73 10.87 -13.39
N ILE F 168 16.48 11.00 -13.84
CA ILE F 168 15.54 9.89 -13.70
C ILE F 168 14.40 9.87 -14.73
N VAL F 169 14.06 8.66 -15.18
CA VAL F 169 12.97 8.45 -16.14
C VAL F 169 12.00 7.43 -15.57
N ASP F 170 10.72 7.76 -15.61
CA ASP F 170 9.66 6.87 -15.13
C ASP F 170 9.36 5.89 -16.26
N GLU F 171 9.43 4.60 -15.98
CA GLU F 171 9.16 3.61 -17.02
C GLU F 171 7.97 2.72 -16.73
N PHE F 172 7.11 3.16 -15.82
CA PHE F 172 5.88 2.43 -15.50
C PHE F 172 5.04 2.67 -16.75
N GLU F 173 4.24 1.69 -17.15
CA GLU F 173 3.42 1.86 -18.35
C GLU F 173 2.51 3.09 -18.31
N HIS F 174 2.03 3.46 -17.13
CA HIS F 174 1.16 4.62 -17.02
C HIS F 174 1.84 5.92 -17.40
N ALA F 175 3.17 5.89 -17.46
CA ALA F 175 3.93 7.08 -17.82
C ALA F 175 3.87 7.43 -19.31
N TYR F 176 3.46 6.49 -20.14
CA TYR F 176 3.43 6.74 -21.58
C TYR F 176 2.36 6.01 -22.39
N TYR F 177 1.71 5.03 -21.79
CA TYR F 177 0.72 4.23 -22.53
C TYR F 177 -0.37 4.94 -23.31
N LEU F 178 -1.00 5.92 -22.72
CA LEU F 178 -2.08 6.65 -23.39
C LEU F 178 -1.63 7.24 -24.72
N GLN F 179 -0.38 7.67 -24.78
CA GLN F 179 0.16 8.29 -25.98
C GLN F 179 1.00 7.38 -26.89
N TYR F 180 1.89 6.59 -26.30
CA TYR F 180 2.77 5.71 -27.06
C TYR F 180 2.41 4.23 -27.06
N LYS F 181 1.42 3.84 -26.25
CA LYS F 181 1.03 2.44 -26.15
C LYS F 181 2.25 1.64 -25.71
N ASN F 182 2.48 0.49 -26.35
CA ASN F 182 3.62 -0.35 -25.98
C ASN F 182 4.95 0.12 -26.54
N LYS F 183 4.95 1.29 -27.18
CA LYS F 183 6.18 1.83 -27.76
C LYS F 183 7.03 2.60 -26.76
N ARG F 184 7.54 1.87 -25.76
CA ARG F 184 8.37 2.45 -24.71
C ARG F 184 9.63 3.15 -25.26
N GLY F 185 10.21 2.60 -26.32
CA GLY F 185 11.39 3.19 -26.92
C GLY F 185 11.13 4.57 -27.50
N ASP F 186 9.95 4.74 -28.09
CA ASP F 186 9.57 6.01 -28.68
C ASP F 186 9.45 7.07 -27.59
N TYR F 187 8.89 6.65 -26.45
CA TYR F 187 8.70 7.53 -25.30
C TYR F 187 10.07 7.99 -24.76
N LEU F 188 11.01 7.05 -24.66
CA LEU F 188 12.33 7.38 -24.14
C LEU F 188 13.05 8.40 -25.03
N ASN F 189 12.85 8.27 -26.34
CA ASN F 189 13.47 9.19 -27.29
C ASN F 189 12.88 10.59 -27.14
N ALA F 190 11.57 10.64 -26.88
CA ALA F 190 10.88 11.92 -26.72
C ALA F 190 11.27 12.61 -25.40
N TRP F 191 11.39 11.81 -24.34
CA TRP F 191 11.74 12.31 -23.01
C TRP F 191 13.00 13.17 -22.99
N TRP F 192 13.98 12.81 -23.80
CA TRP F 192 15.24 13.55 -23.86
C TRP F 192 15.01 15.02 -24.16
N ASN F 193 13.88 15.33 -24.80
CA ASN F 193 13.56 16.70 -25.18
C ASN F 193 13.02 17.57 -24.06
N VAL F 194 12.64 16.97 -22.93
CA VAL F 194 12.11 17.75 -21.82
C VAL F 194 12.93 17.62 -20.55
N VAL F 195 14.09 16.98 -20.65
CA VAL F 195 14.96 16.81 -19.48
C VAL F 195 15.42 18.17 -18.97
N ASN F 196 15.33 18.37 -17.66
CA ASN F 196 15.74 19.64 -17.04
C ASN F 196 17.18 19.52 -16.55
N TRP F 197 18.14 19.83 -17.42
CA TRP F 197 19.56 19.75 -17.07
C TRP F 197 19.99 20.71 -15.97
N ASP F 198 19.24 21.79 -15.80
CA ASP F 198 19.56 22.76 -14.77
C ASP F 198 19.26 22.11 -13.42
N ASP F 199 18.15 21.39 -13.36
CA ASP F 199 17.76 20.72 -12.13
C ASP F 199 18.79 19.64 -11.80
N ALA F 200 19.20 18.87 -12.82
CA ALA F 200 20.18 17.81 -12.61
C ALA F 200 21.51 18.38 -12.12
N GLU F 201 21.97 19.48 -12.72
CA GLU F 201 23.22 20.10 -12.31
C GLU F 201 23.15 20.60 -10.87
N LYS F 202 21.97 21.12 -10.48
CA LYS F 202 21.74 21.61 -9.12
C LYS F 202 21.83 20.49 -8.09
N ARG F 203 21.32 19.31 -8.44
CA ARG F 203 21.36 18.18 -7.52
C ARG F 203 22.81 17.71 -7.34
N LEU F 204 23.58 17.68 -8.42
CA LEU F 204 24.98 17.26 -8.34
C LEU F 204 25.80 18.22 -7.49
N GLN F 205 25.62 19.52 -7.71
CA GLN F 205 26.35 20.55 -6.97
C GLN F 205 26.15 20.40 -5.47
N LYS F 206 25.01 19.85 -5.09
CA LYS F 206 24.69 19.67 -3.68
C LYS F 206 25.60 18.66 -3.00
N TYR F 207 26.19 17.75 -3.77
CA TYR F 207 27.04 16.72 -3.20
C TYR F 207 28.50 16.76 -3.58
N LEU F 208 28.87 17.64 -4.51
CA LEU F 208 30.25 17.74 -4.94
C LEU F 208 31.16 18.28 -3.84
N ASN F 209 32.24 17.54 -3.58
CA ASN F 209 33.21 17.91 -2.56
C ASN F 209 32.59 18.12 -1.19
N LYS F 210 31.61 17.28 -0.87
CA LYS F 210 30.92 17.34 0.41
C LYS F 210 30.73 15.92 0.93
#